data_5HPI
#
_entry.id   5HPI
#
_cell.length_a   83.490
_cell.length_b   125.659
_cell.length_c   156.673
_cell.angle_alpha   90.00
_cell.angle_beta   90.00
_cell.angle_gamma   90.00
#
_symmetry.space_group_name_H-M   'C 2 2 21'
#
loop_
_entity.id
_entity.type
_entity.pdbx_description
1 polymer 'p-hydroxybenzoate hydroxylase transcriptional activator'
2 non-polymer '3-HYDROXYBENZOIC ACID'
3 non-polymer 1,2-ETHANEDIOL
4 non-polymer 'SULFATE ION'
5 water water
#
_entity_poly.entity_id   1
_entity_poly.type   'polypeptide(L)'
_entity_poly.pdbx_seq_one_letter_code
;SNAAHLPKVAQSFLNLLCAQTSLTFSIVVLDEHEVVPVARSYLPQQDNRVSPYG(MSE)HLGNRLPAHATSTGKVLLSVL
DREVQIEWIEKYGLKRLTPYTITDEHTFLETLDAVRQSDYCLSTEEHELGVIAIAVPVLNAQGLTIAALNC(MSE)SQTN
RVQPQYLIDQVLPLLRNTANELRNLV
;
_entity_poly.pdbx_strand_id   A,B,C,D
#
# COMPACT_ATOMS: atom_id res chain seq x y z
N ALA A 4 -33.95 21.96 3.90
CA ALA A 4 -33.71 21.18 5.11
C ALA A 4 -33.44 22.09 6.31
N HIS A 5 -33.73 21.60 7.53
CA HIS A 5 -33.54 22.35 8.78
C HIS A 5 -33.36 21.33 9.91
N LEU A 6 -32.25 20.61 9.88
CA LEU A 6 -31.88 19.65 10.93
C LEU A 6 -30.39 19.78 11.22
N PRO A 7 -29.98 20.86 11.89
CA PRO A 7 -28.59 21.01 12.32
C PRO A 7 -28.38 20.72 13.81
N LYS A 8 -29.42 20.28 14.51
CA LYS A 8 -29.44 20.11 15.95
C LYS A 8 -28.96 18.72 16.38
N VAL A 9 -29.36 17.68 15.66
CA VAL A 9 -28.88 16.34 16.03
C VAL A 9 -27.43 16.15 15.59
N ALA A 10 -27.01 16.87 14.55
CA ALA A 10 -25.64 16.77 14.04
C ALA A 10 -24.62 17.41 14.98
N GLN A 11 -25.04 18.38 15.80
CA GLN A 11 -24.11 19.09 16.66
C GLN A 11 -23.37 18.13 17.59
N SER A 12 -23.99 17.00 17.91
CA SER A 12 -23.33 16.05 18.80
C SER A 12 -22.21 15.30 18.09
N PHE A 13 -22.45 14.85 16.85
CA PHE A 13 -21.41 14.15 16.10
C PHE A 13 -20.19 15.04 15.86
N LEU A 14 -20.42 16.34 15.63
CA LEU A 14 -19.32 17.23 15.32
C LEU A 14 -18.42 17.43 16.53
N ASN A 15 -19.01 17.70 17.69
CA ASN A 15 -18.21 17.74 18.92
C ASN A 15 -17.48 16.41 19.15
N LEU A 16 -18.14 15.29 18.84
CA LEU A 16 -17.47 14.00 18.92
C LEU A 16 -16.19 14.00 18.11
N LEU A 17 -16.28 14.36 16.82
CA LEU A 17 -15.11 14.37 15.96
C LEU A 17 -14.05 15.35 16.44
N CYS A 18 -14.44 16.43 17.09
CA CYS A 18 -13.43 17.38 17.52
C CYS A 18 -12.71 16.88 18.77
N ALA A 19 -13.46 16.47 19.80
CA ALA A 19 -12.85 15.95 21.03
C ALA A 19 -11.87 14.83 20.72
N GLN A 20 -12.14 14.09 19.66
CA GLN A 20 -11.22 13.08 19.18
C GLN A 20 -9.91 13.70 18.70
N THR A 21 -9.99 14.65 17.74
CA THR A 21 -8.84 15.07 16.95
C THR A 21 -8.39 16.52 17.09
N SER A 22 -9.00 17.33 17.95
CA SER A 22 -8.64 18.74 18.12
C SER A 22 -8.86 19.62 16.91
N LEU A 23 -9.46 19.12 15.83
CA LEU A 23 -9.69 19.90 14.61
C LEU A 23 -11.14 20.37 14.55
N THR A 24 -11.51 20.95 13.42
CA THR A 24 -12.79 21.67 13.28
C THR A 24 -13.66 21.06 12.19
N PHE A 25 -14.86 20.64 12.56
CA PHE A 25 -15.72 19.92 11.64
C PHE A 25 -16.99 20.72 11.43
N SER A 26 -17.58 20.57 10.23
CA SER A 26 -18.75 21.37 9.92
C SER A 26 -19.64 20.64 8.91
N ILE A 27 -20.91 21.03 8.94
CA ILE A 27 -21.91 20.64 7.93
C ILE A 27 -22.16 21.87 7.07
N VAL A 28 -22.18 21.67 5.75
CA VAL A 28 -22.14 22.78 4.78
C VAL A 28 -23.20 22.55 3.72
N VAL A 29 -23.84 23.62 3.30
CA VAL A 29 -25.01 23.56 2.44
C VAL A 29 -24.73 24.40 1.20
N LEU A 30 -25.09 23.89 0.04
CA LEU A 30 -24.87 24.63 -1.20
C LEU A 30 -26.06 25.53 -1.45
N ASP A 31 -25.80 26.83 -1.55
CA ASP A 31 -26.78 27.82 -1.96
C ASP A 31 -26.26 28.56 -3.20
N GLU A 32 -26.85 28.26 -4.36
CA GLU A 32 -26.49 28.87 -5.64
C GLU A 32 -25.02 28.66 -6.02
N HIS A 33 -24.15 29.62 -5.73
CA HIS A 33 -22.73 29.50 -6.06
C HIS A 33 -21.80 29.61 -4.85
N GLU A 34 -22.33 29.89 -3.67
CA GLU A 34 -21.57 29.88 -2.43
C GLU A 34 -22.10 28.81 -1.49
N VAL A 35 -21.23 28.35 -0.59
CA VAL A 35 -21.57 27.28 0.34
C VAL A 35 -21.62 27.87 1.75
N VAL A 36 -22.56 27.38 2.56
CA VAL A 36 -22.89 27.98 3.85
C VAL A 36 -22.67 26.95 4.95
N PRO A 37 -21.75 27.17 5.88
CA PRO A 37 -21.74 26.36 7.11
C PRO A 37 -23.03 26.50 7.90
N VAL A 38 -23.60 25.37 8.30
CA VAL A 38 -24.84 25.31 9.07
C VAL A 38 -24.67 24.68 10.45
N ALA A 39 -23.50 24.13 10.76
CA ALA A 39 -23.20 23.67 12.11
C ALA A 39 -21.70 23.54 12.21
N ARG A 40 -21.16 23.74 13.42
CA ARG A 40 -19.74 23.55 13.61
C ARG A 40 -19.48 22.98 14.99
N SER A 41 -18.32 22.34 15.09
CA SER A 41 -17.87 21.69 16.31
C SER A 41 -17.28 22.72 17.26
N TYR A 42 -17.83 22.81 18.46
CA TYR A 42 -17.38 23.81 19.43
C TYR A 42 -17.24 23.17 20.81
N LEU A 43 -16.01 23.20 21.35
CA LEU A 43 -15.71 22.79 22.72
C LEU A 43 -15.00 23.93 23.45
N PRO A 44 -15.69 24.68 24.30
CA PRO A 44 -15.05 25.87 24.91
C PRO A 44 -13.80 25.58 25.73
N GLN A 45 -13.69 24.40 26.31
CA GLN A 45 -12.54 24.11 27.16
C GLN A 45 -11.23 24.03 26.39
N GLN A 46 -11.28 24.02 25.06
CA GLN A 46 -10.05 23.84 24.28
C GLN A 46 -10.02 24.57 22.94
N ASP A 47 -11.13 25.16 22.48
CA ASP A 47 -11.20 25.83 21.18
C ASP A 47 -11.35 27.32 21.41
N ASN A 48 -10.61 28.12 20.65
CA ASN A 48 -10.74 29.57 20.71
C ASN A 48 -11.74 30.05 19.66
N ARG A 49 -12.27 31.26 19.87
CA ARG A 49 -13.30 31.83 19.01
C ARG A 49 -12.76 32.67 17.84
N VAL A 50 -11.45 32.78 17.69
CA VAL A 50 -10.85 33.45 16.54
C VAL A 50 -10.48 32.40 15.51
N SER A 51 -11.01 32.53 14.31
CA SER A 51 -10.88 31.49 13.29
C SER A 51 -10.81 32.12 11.92
N PRO A 52 -10.19 31.46 10.94
CA PRO A 52 -10.13 31.98 9.57
C PRO A 52 -11.50 32.22 8.93
N TYR A 53 -11.50 32.77 7.72
CA TYR A 53 -12.73 32.98 6.95
C TYR A 53 -13.41 31.64 6.67
N GLY A 54 -14.63 31.47 7.17
CA GLY A 54 -15.44 30.33 6.85
C GLY A 54 -15.39 29.20 7.86
N HIS A 56 -15.74 29.93 11.02
CA HIS A 56 -16.83 30.38 11.90
C HIS A 56 -18.14 30.29 11.16
N LEU A 57 -19.19 29.91 11.89
CA LEU A 57 -20.47 29.58 11.28
C LEU A 57 -21.18 30.84 10.81
N GLY A 58 -21.67 30.79 9.58
CA GLY A 58 -22.31 31.93 8.96
C GLY A 58 -21.68 32.32 7.63
N ASN A 59 -20.34 32.33 7.56
CA ASN A 59 -19.65 32.88 6.40
C ASN A 59 -19.90 32.04 5.16
N ARG A 60 -19.96 32.70 4.02
CA ARG A 60 -20.22 32.06 2.74
C ARG A 60 -18.96 32.10 1.90
N LEU A 61 -18.56 30.95 1.39
CA LEU A 61 -17.36 30.80 0.58
C LEU A 61 -17.71 30.31 -0.82
N PRO A 62 -16.86 30.59 -1.81
CA PRO A 62 -17.14 30.10 -3.16
C PRO A 62 -16.95 28.60 -3.28
N ALA A 63 -17.84 27.96 -4.03
CA ALA A 63 -17.85 26.50 -4.12
C ALA A 63 -16.61 25.94 -4.79
N HIS A 64 -16.01 26.65 -5.74
CA HIS A 64 -14.95 26.06 -6.55
C HIS A 64 -13.58 26.03 -5.85
N ALA A 65 -13.47 26.58 -4.65
CA ALA A 65 -12.21 26.62 -3.94
C ALA A 65 -12.22 25.82 -2.65
N THR A 66 -13.39 25.41 -2.17
CA THR A 66 -13.54 24.63 -0.97
C THR A 66 -13.65 23.14 -1.30
N SER A 67 -13.16 22.32 -0.37
CA SER A 67 -13.39 20.88 -0.46
C SER A 67 -14.88 20.55 -0.40
N THR A 68 -15.61 21.24 0.49
CA THR A 68 -17.05 21.05 0.55
C THR A 68 -17.68 21.33 -0.81
N GLY A 69 -17.53 22.56 -1.31
CA GLY A 69 -18.21 22.96 -2.54
C GLY A 69 -17.90 22.07 -3.74
N LYS A 70 -16.66 21.61 -3.88
CA LYS A 70 -16.36 20.70 -4.97
C LYS A 70 -17.05 19.36 -4.79
N VAL A 71 -17.19 18.90 -3.55
CA VAL A 71 -17.93 17.66 -3.30
C VAL A 71 -19.37 17.80 -3.76
N LEU A 72 -19.98 18.96 -3.46
CA LEU A 72 -21.40 19.17 -3.73
C LEU A 72 -21.69 19.40 -5.21
N LEU A 73 -20.70 19.80 -6.00
CA LEU A 73 -20.90 19.99 -7.42
C LEU A 73 -20.72 18.69 -8.20
N SER A 74 -19.91 17.77 -7.67
CA SER A 74 -19.68 16.49 -8.35
C SER A 74 -20.94 15.66 -8.57
N VAL A 75 -21.98 15.84 -7.73
CA VAL A 75 -23.19 15.04 -7.89
C VAL A 75 -23.90 15.37 -9.19
N LEU A 76 -23.95 16.65 -9.57
CA LEU A 76 -24.71 17.08 -10.73
C LEU A 76 -24.23 16.38 -12.00
N ASP A 77 -25.05 16.47 -13.04
CA ASP A 77 -24.64 15.96 -14.33
C ASP A 77 -23.62 16.90 -14.96
N ARG A 78 -22.88 16.36 -15.95
CA ARG A 78 -21.77 17.10 -16.54
C ARG A 78 -22.26 18.37 -17.24
N GLU A 79 -23.35 18.27 -17.99
CA GLU A 79 -23.87 19.44 -18.68
C GLU A 79 -24.40 20.48 -17.69
N VAL A 80 -24.92 20.05 -16.54
CA VAL A 80 -25.36 21.03 -15.53
C VAL A 80 -24.15 21.66 -14.84
N GLN A 81 -23.11 20.87 -14.56
CA GLN A 81 -21.84 21.45 -14.13
C GLN A 81 -21.36 22.49 -15.14
N ILE A 82 -21.35 22.13 -16.43
CA ILE A 82 -20.88 23.05 -17.47
C ILE A 82 -21.69 24.34 -17.43
N GLU A 83 -23.01 24.23 -17.44
CA GLU A 83 -23.89 25.39 -17.31
C GLU A 83 -23.65 26.17 -16.02
N TRP A 84 -23.03 25.55 -15.01
CA TRP A 84 -22.75 26.26 -13.76
C TRP A 84 -21.45 27.04 -13.84
N ILE A 85 -20.43 26.43 -14.46
CA ILE A 85 -19.15 27.10 -14.65
C ILE A 85 -19.30 28.28 -15.61
N GLU A 86 -20.25 28.16 -16.56
CA GLU A 86 -20.53 29.27 -17.46
C GLU A 86 -21.12 30.45 -16.71
N LYS A 87 -22.10 30.19 -15.84
CA LYS A 87 -22.80 31.28 -15.15
C LYS A 87 -21.85 32.07 -14.26
N TYR A 88 -21.23 31.40 -13.29
CA TYR A 88 -20.52 32.07 -12.21
C TYR A 88 -19.00 32.16 -12.39
N GLY A 89 -18.39 31.26 -13.17
CA GLY A 89 -16.97 31.30 -13.39
C GLY A 89 -16.15 30.87 -12.18
N LEU A 90 -14.83 30.91 -12.36
CA LEU A 90 -13.87 30.49 -11.33
C LEU A 90 -12.87 31.61 -11.09
N LYS A 91 -13.15 32.52 -10.17
CA LYS A 91 -12.22 33.62 -9.92
C LYS A 91 -11.10 33.16 -8.99
N ARG A 92 -9.85 33.29 -9.46
CA ARG A 92 -8.69 32.93 -8.67
C ARG A 92 -8.62 33.72 -7.36
N LEU A 93 -8.21 33.04 -6.28
CA LEU A 93 -8.15 33.59 -4.93
C LEU A 93 -6.80 33.32 -4.28
N THR A 94 -6.17 32.18 -4.57
CA THR A 94 -4.81 31.87 -4.16
C THR A 94 -4.03 31.35 -5.36
N PRO A 95 -2.68 31.21 -5.25
CA PRO A 95 -1.90 30.65 -6.37
C PRO A 95 -2.29 29.25 -6.76
N TYR A 96 -3.22 28.62 -6.01
CA TYR A 96 -3.60 27.22 -6.16
C TYR A 96 -5.04 27.02 -6.58
N THR A 97 -5.82 28.06 -6.77
CA THR A 97 -7.21 27.88 -7.18
C THR A 97 -7.29 27.24 -8.56
N ILE A 98 -8.24 26.32 -8.74
CA ILE A 98 -8.47 25.69 -10.04
C ILE A 98 -9.30 26.65 -10.87
N THR A 99 -8.71 27.20 -11.93
CA THR A 99 -9.42 28.17 -12.76
C THR A 99 -9.58 27.71 -14.20
N ASP A 100 -8.85 26.69 -14.65
CA ASP A 100 -9.14 26.07 -15.93
C ASP A 100 -10.46 25.32 -15.86
N GLU A 101 -11.11 25.15 -17.01
CA GLU A 101 -12.41 24.49 -17.03
C GLU A 101 -12.28 22.98 -17.21
N HIS A 102 -11.45 22.55 -18.16
CA HIS A 102 -11.20 21.13 -18.34
C HIS A 102 -10.62 20.51 -17.08
N THR A 103 -9.77 21.25 -16.37
CA THR A 103 -9.22 20.76 -15.13
C THR A 103 -10.28 20.66 -14.04
N PHE A 104 -11.20 21.61 -14.00
CA PHE A 104 -12.20 21.61 -12.93
C PHE A 104 -13.23 20.50 -13.11
N LEU A 105 -13.53 20.14 -14.37
CA LEU A 105 -14.45 19.04 -14.63
C LEU A 105 -13.81 17.70 -14.29
N GLU A 106 -12.53 17.53 -14.62
CA GLU A 106 -11.85 16.28 -14.32
C GLU A 106 -11.58 16.12 -12.84
N THR A 107 -11.58 17.21 -12.09
CA THR A 107 -11.58 17.09 -10.63
C THR A 107 -12.95 16.63 -10.13
N LEU A 108 -14.02 17.32 -10.54
CA LEU A 108 -15.37 16.95 -10.12
C LEU A 108 -15.74 15.52 -10.47
N ASP A 109 -15.18 14.97 -11.54
CA ASP A 109 -15.44 13.58 -11.84
C ASP A 109 -14.62 12.66 -10.95
N ALA A 110 -13.46 13.13 -10.49
CA ALA A 110 -12.64 12.33 -9.60
C ALA A 110 -13.14 12.38 -8.16
N VAL A 111 -13.74 13.50 -7.78
CA VAL A 111 -14.36 13.59 -6.46
C VAL A 111 -15.67 12.81 -6.45
N ARG A 112 -16.31 12.67 -7.61
CA ARG A 112 -17.44 11.75 -7.73
C ARG A 112 -17.02 10.29 -7.50
N GLN A 113 -16.13 9.77 -8.35
CA GLN A 113 -15.68 8.39 -8.23
C GLN A 113 -15.18 8.06 -6.83
N SER A 114 -14.44 8.97 -6.20
CA SER A 114 -13.67 8.63 -5.01
C SER A 114 -14.38 8.90 -3.70
N ASP A 115 -15.37 9.80 -3.69
CA ASP A 115 -16.24 10.11 -2.55
C ASP A 115 -15.59 10.97 -1.48
N TYR A 116 -14.51 11.68 -1.80
CA TYR A 116 -13.89 12.64 -0.89
C TYR A 116 -13.20 13.73 -1.69
N CYS A 117 -12.94 14.86 -1.04
CA CYS A 117 -12.19 15.93 -1.68
C CYS A 117 -11.27 16.56 -0.66
N LEU A 118 -9.98 16.49 -0.92
CA LEU A 118 -9.00 17.21 -0.13
C LEU A 118 -8.60 18.45 -0.92
N SER A 119 -8.79 19.62 -0.32
CA SER A 119 -8.45 20.91 -0.92
C SER A 119 -7.44 21.59 -0.03
N THR A 120 -6.28 21.89 -0.58
CA THR A 120 -5.13 22.40 0.17
C THR A 120 -4.84 23.83 -0.27
N GLU A 121 -5.21 24.80 0.57
CA GLU A 121 -4.90 26.21 0.37
C GLU A 121 -5.53 26.79 -0.89
N GLU A 122 -6.64 26.21 -1.36
CA GLU A 122 -7.23 26.61 -2.63
C GLU A 122 -8.21 27.76 -2.50
N HIS A 123 -8.52 28.20 -1.28
CA HIS A 123 -9.28 29.41 -1.06
C HIS A 123 -8.56 30.44 -0.21
N GLU A 124 -7.78 30.01 0.77
CA GLU A 124 -7.09 30.94 1.66
C GLU A 124 -5.76 30.33 2.07
N LEU A 125 -4.71 31.15 2.10
CA LEU A 125 -3.38 30.67 2.41
C LEU A 125 -3.30 30.16 3.83
N GLY A 126 -2.71 28.98 3.99
CA GLY A 126 -2.50 28.36 5.28
C GLY A 126 -3.68 27.61 5.85
N VAL A 127 -4.66 27.23 5.01
CA VAL A 127 -5.87 26.55 5.44
C VAL A 127 -6.06 25.31 4.58
N ILE A 128 -6.41 24.19 5.21
CA ILE A 128 -6.60 22.93 4.49
C ILE A 128 -7.92 22.30 4.92
N ALA A 129 -8.51 21.49 4.03
CA ALA A 129 -9.74 20.79 4.40
C ALA A 129 -9.93 19.50 3.60
N ILE A 130 -10.59 18.53 4.24
CA ILE A 130 -11.12 17.32 3.60
C ILE A 130 -12.63 17.27 3.82
N ALA A 131 -13.38 16.96 2.76
CA ALA A 131 -14.83 16.93 2.82
C ALA A 131 -15.35 15.59 2.30
N VAL A 132 -16.50 15.16 2.81
CA VAL A 132 -17.23 13.99 2.28
C VAL A 132 -18.72 14.30 2.12
N PRO A 133 -19.37 13.73 1.11
CA PRO A 133 -20.81 13.91 0.96
C PRO A 133 -21.59 13.29 2.11
N VAL A 134 -22.70 13.94 2.45
CA VAL A 134 -23.58 13.48 3.52
C VAL A 134 -24.94 13.21 2.90
N LEU A 135 -25.34 11.94 2.86
CA LEU A 135 -26.57 11.58 2.14
C LEU A 135 -27.75 11.46 3.09
N ASN A 136 -28.94 11.49 2.51
CA ASN A 136 -30.17 11.17 3.23
C ASN A 136 -30.56 9.74 2.89
N ALA A 137 -31.61 9.27 3.57
CA ALA A 137 -32.10 7.90 3.39
C ALA A 137 -32.26 7.54 1.91
N GLN A 138 -32.95 8.39 1.16
CA GLN A 138 -33.22 8.18 -0.27
C GLN A 138 -31.96 8.13 -1.10
N GLY A 139 -30.80 8.42 -0.53
CA GLY A 139 -29.57 8.43 -1.27
C GLY A 139 -29.23 9.75 -1.90
N LEU A 140 -30.09 10.77 -1.75
CA LEU A 140 -29.78 12.12 -2.23
C LEU A 140 -28.62 12.68 -1.45
N THR A 141 -27.70 13.32 -2.16
CA THR A 141 -26.67 14.10 -1.48
C THR A 141 -27.28 15.39 -0.98
N ILE A 142 -27.21 15.63 0.33
CA ILE A 142 -27.94 16.73 0.93
C ILE A 142 -27.05 17.75 1.61
N ALA A 143 -25.84 17.40 2.00
CA ALA A 143 -24.91 18.35 2.58
C ALA A 143 -23.52 17.75 2.43
N ALA A 144 -22.52 18.43 2.99
CA ALA A 144 -21.18 17.87 3.07
C ALA A 144 -20.64 18.14 4.46
N LEU A 145 -19.82 17.21 4.90
CA LEU A 145 -19.23 17.20 6.22
C LEU A 145 -17.73 17.33 6.00
N ASN A 146 -17.10 18.28 6.66
CA ASN A 146 -15.72 18.57 6.29
C ASN A 146 -14.89 18.84 7.52
N CYS A 147 -13.58 18.82 7.32
CA CYS A 147 -12.62 19.03 8.40
C CYS A 147 -11.59 20.06 7.97
N SER A 149 -8.44 22.86 8.79
CA SER A 149 -7.36 23.21 9.72
C SER A 149 -6.32 24.06 9.01
N GLN A 150 -5.24 24.34 9.72
CA GLN A 150 -4.13 25.11 9.21
C GLN A 150 -3.01 24.17 8.80
N THR A 151 -2.41 24.45 7.66
CA THR A 151 -1.42 23.56 7.07
C THR A 151 -0.16 23.42 7.91
N ASN A 152 0.08 24.35 8.84
CA ASN A 152 1.23 24.28 9.72
C ASN A 152 0.98 23.46 10.98
N ARG A 153 -0.24 22.98 11.20
CA ARG A 153 -0.49 22.07 12.32
C ARG A 153 -0.86 20.66 11.91
N VAL A 154 -1.50 20.45 10.75
CA VAL A 154 -1.91 19.12 10.31
C VAL A 154 -1.40 18.85 8.90
N GLN A 155 -0.81 17.61 8.68
CA GLN A 155 -0.17 17.04 7.49
C GLN A 155 -1.20 16.35 6.61
N PRO A 156 -0.97 16.29 5.28
CA PRO A 156 -2.07 15.89 4.40
C PRO A 156 -2.49 14.45 4.58
N GLN A 157 -1.58 13.57 5.01
CA GLN A 157 -1.90 12.16 5.12
C GLN A 157 -2.62 11.82 6.42
N TYR A 158 -2.38 12.59 7.49
CA TYR A 158 -3.26 12.46 8.65
C TYR A 158 -4.70 12.65 8.23
N LEU A 159 -4.96 13.62 7.36
CA LEU A 159 -6.32 13.77 6.87
C LEU A 159 -6.76 12.54 6.08
N ILE A 160 -5.85 11.97 5.28
CA ILE A 160 -6.19 10.77 4.53
C ILE A 160 -6.32 9.58 5.47
N ASP A 161 -5.26 9.31 6.25
CA ASP A 161 -5.15 8.06 7.00
C ASP A 161 -6.11 7.98 8.19
N GLN A 162 -6.34 9.10 8.88
CA GLN A 162 -7.10 9.09 10.12
C GLN A 162 -8.45 9.80 10.02
N VAL A 163 -8.47 11.06 9.59
CA VAL A 163 -9.72 11.81 9.60
C VAL A 163 -10.75 11.20 8.65
N LEU A 164 -10.32 10.85 7.44
CA LEU A 164 -11.24 10.32 6.43
C LEU A 164 -12.00 9.09 6.92
N PRO A 165 -11.37 8.08 7.51
CA PRO A 165 -12.17 7.01 8.12
C PRO A 165 -13.24 7.52 9.11
N LEU A 166 -12.87 8.34 10.10
CA LEU A 166 -13.88 8.87 11.03
C LEU A 166 -14.97 9.64 10.30
N LEU A 167 -14.58 10.52 9.37
CA LEU A 167 -15.56 11.24 8.55
C LEU A 167 -16.56 10.28 7.92
N ARG A 168 -16.07 9.22 7.26
CA ARG A 168 -16.96 8.28 6.59
C ARG A 168 -17.91 7.56 7.57
N ASN A 169 -17.43 7.19 8.77
CA ASN A 169 -18.32 6.56 9.75
C ASN A 169 -19.43 7.51 10.18
N THR A 170 -19.11 8.80 10.33
CA THR A 170 -20.05 9.78 10.85
C THR A 170 -21.08 10.17 9.81
N ALA A 171 -20.63 10.37 8.57
CA ALA A 171 -21.56 10.54 7.48
C ALA A 171 -22.52 9.35 7.40
N ASN A 172 -21.99 8.14 7.62
CA ASN A 172 -22.78 6.94 7.46
C ASN A 172 -23.90 6.85 8.49
N GLU A 173 -23.63 7.25 9.73
CA GLU A 173 -24.63 7.23 10.78
C GLU A 173 -25.55 8.43 10.77
N LEU A 174 -25.25 9.47 9.99
CA LEU A 174 -26.25 10.53 9.80
C LEU A 174 -27.29 10.10 8.79
N ARG A 175 -26.84 9.43 7.74
CA ARG A 175 -27.68 8.98 6.64
C ARG A 175 -28.99 8.39 7.11
N ASN A 176 -28.92 7.61 8.19
CA ASN A 176 -30.10 6.94 8.74
C ASN A 176 -30.95 7.88 9.59
N LEU A 177 -30.39 9.01 10.03
CA LEU A 177 -31.07 9.97 10.88
C LEU A 177 -31.56 11.20 10.14
N VAL A 178 -31.12 11.43 8.92
CA VAL A 178 -31.63 12.55 8.14
C VAL A 178 -32.02 12.08 6.73
N PRO B 7 5.64 3.63 -19.55
CA PRO B 7 4.99 4.78 -20.19
C PRO B 7 3.56 4.99 -19.71
N LYS B 8 2.60 4.67 -20.57
CA LYS B 8 1.18 4.74 -20.26
C LYS B 8 0.70 3.59 -19.38
N VAL B 9 1.59 2.66 -19.04
CA VAL B 9 1.23 1.48 -18.26
C VAL B 9 1.33 1.76 -16.76
N ALA B 10 2.34 2.52 -16.34
CA ALA B 10 2.69 2.74 -14.94
C ALA B 10 1.95 3.88 -14.27
N GLN B 11 1.18 4.67 -15.03
CA GLN B 11 0.42 5.75 -14.41
C GLN B 11 -0.46 5.23 -13.27
N SER B 12 -0.97 4.01 -13.39
CA SER B 12 -1.83 3.44 -12.35
C SER B 12 -1.02 3.11 -11.10
N PHE B 13 0.20 2.59 -11.27
CA PHE B 13 1.10 2.32 -10.15
C PHE B 13 1.54 3.61 -9.47
N LEU B 14 1.80 4.65 -10.26
CA LEU B 14 2.17 5.94 -9.67
C LEU B 14 1.06 6.45 -8.78
N ASN B 15 -0.16 6.50 -9.31
CA ASN B 15 -1.29 7.00 -8.53
C ASN B 15 -1.41 6.25 -7.22
N LEU B 16 -1.16 4.93 -7.23
CA LEU B 16 -1.38 4.07 -6.08
C LEU B 16 -0.42 4.39 -4.95
N LEU B 17 0.85 4.60 -5.29
CA LEU B 17 1.81 5.05 -4.29
C LEU B 17 1.45 6.42 -3.75
N CYS B 18 0.87 7.29 -4.57
CA CYS B 18 0.48 8.57 -4.01
C CYS B 18 -0.75 8.43 -3.12
N ALA B 19 -1.64 7.48 -3.44
CA ALA B 19 -2.85 7.30 -2.64
C ALA B 19 -2.51 6.85 -1.22
N GLN B 20 -1.44 6.09 -1.06
CA GLN B 20 -1.00 5.61 0.23
C GLN B 20 -0.16 6.62 1.01
N THR B 21 0.51 7.57 0.34
CA THR B 21 1.52 8.41 1.00
C THR B 21 1.21 9.89 0.97
N SER B 22 0.46 10.38 -0.01
CA SER B 22 0.31 11.82 -0.28
C SER B 22 1.65 12.47 -0.58
N LEU B 23 2.40 11.85 -1.49
CA LEU B 23 3.63 12.37 -2.03
C LEU B 23 3.61 12.17 -3.53
N THR B 24 4.30 13.06 -4.26
CA THR B 24 4.42 12.91 -5.70
C THR B 24 5.48 11.87 -6.07
N PHE B 25 5.16 11.04 -7.06
CA PHE B 25 6.08 10.03 -7.54
C PHE B 25 6.20 10.18 -9.04
N SER B 26 7.32 9.70 -9.60
CA SER B 26 7.48 9.77 -11.06
C SER B 26 8.47 8.74 -11.59
N ILE B 27 8.40 8.55 -12.90
CA ILE B 27 9.39 7.81 -13.69
C ILE B 27 10.21 8.81 -14.48
N VAL B 28 11.51 8.55 -14.58
CA VAL B 28 12.51 9.52 -14.96
C VAL B 28 13.60 8.78 -15.72
N VAL B 29 13.89 9.19 -16.96
CA VAL B 29 14.94 8.54 -17.72
C VAL B 29 16.20 9.40 -17.72
N LEU B 30 17.32 8.76 -17.98
CA LEU B 30 18.59 9.45 -18.17
C LEU B 30 18.74 9.82 -19.62
N ASP B 31 18.98 11.11 -19.88
CA ASP B 31 19.15 11.62 -21.24
C ASP B 31 20.36 12.54 -21.29
N GLU B 32 21.37 12.15 -22.08
CA GLU B 32 22.62 12.92 -22.16
C GLU B 32 23.17 13.18 -20.77
N HIS B 33 23.00 14.40 -20.27
CA HIS B 33 23.51 14.77 -18.95
C HIS B 33 22.42 15.18 -17.97
N GLU B 34 21.17 15.24 -18.39
CA GLU B 34 20.07 15.58 -17.51
C GLU B 34 19.16 14.36 -17.34
N VAL B 35 18.08 14.55 -16.61
CA VAL B 35 17.05 13.52 -16.46
C VAL B 35 15.71 14.17 -16.76
N VAL B 36 14.87 13.45 -17.51
CA VAL B 36 13.61 13.97 -17.99
C VAL B 36 12.48 13.16 -17.38
N PRO B 37 11.66 13.74 -16.52
CA PRO B 37 10.47 13.01 -16.06
C PRO B 37 9.53 12.74 -17.23
N VAL B 38 8.97 11.53 -17.23
CA VAL B 38 8.10 11.09 -18.32
C VAL B 38 6.73 10.60 -17.85
N ALA B 39 6.54 10.28 -16.56
CA ALA B 39 5.23 10.01 -15.99
C ALA B 39 5.19 10.55 -14.57
N ARG B 40 3.99 10.88 -14.07
CA ARG B 40 3.89 11.53 -12.76
C ARG B 40 2.50 11.31 -12.18
N SER B 41 2.43 11.08 -10.87
CA SER B 41 1.19 10.65 -10.24
C SER B 41 0.23 11.80 -10.09
N TYR B 42 -1.06 11.56 -10.39
CA TYR B 42 -2.03 12.65 -10.30
C TYR B 42 -3.39 12.11 -9.86
N LEU B 43 -3.73 12.35 -8.60
CA LEU B 43 -5.01 12.05 -7.98
C LEU B 43 -5.81 13.34 -7.84
N PRO B 44 -6.75 13.62 -8.73
CA PRO B 44 -7.44 14.92 -8.68
C PRO B 44 -8.20 15.24 -7.40
N GLN B 45 -8.83 14.24 -6.76
CA GLN B 45 -9.49 14.47 -5.48
C GLN B 45 -8.53 15.01 -4.43
N GLN B 46 -7.23 14.93 -4.68
CA GLN B 46 -6.19 15.27 -3.72
C GLN B 46 -5.43 16.55 -4.02
N ASP B 47 -4.91 16.72 -5.24
CA ASP B 47 -3.95 17.78 -5.58
C ASP B 47 -4.33 18.48 -6.87
N ASN B 48 -3.62 19.57 -7.18
CA ASN B 48 -3.87 20.32 -8.42
C ASN B 48 -2.85 20.00 -9.50
N ARG B 49 -3.23 20.26 -10.75
CA ARG B 49 -2.50 19.72 -11.90
C ARG B 49 -1.13 20.37 -12.06
N VAL B 50 -0.98 21.62 -11.61
CA VAL B 50 0.34 22.25 -11.64
C VAL B 50 1.26 21.48 -10.70
N SER B 51 2.41 21.04 -11.23
CA SER B 51 3.33 20.18 -10.52
C SER B 51 4.57 20.95 -10.07
N PRO B 52 5.16 20.59 -8.93
CA PRO B 52 6.42 21.21 -8.53
C PRO B 52 7.46 21.15 -9.64
N TYR B 53 8.37 22.12 -9.65
CA TYR B 53 9.44 22.09 -10.63
C TYR B 53 10.30 20.84 -10.37
N GLY B 54 10.78 20.25 -11.46
CA GLY B 54 11.45 18.98 -11.35
C GLY B 54 10.52 17.80 -11.39
N HIS B 56 7.48 18.47 -13.60
CA HIS B 56 6.74 18.86 -14.81
C HIS B 56 7.24 18.08 -16.01
N LEU B 57 6.31 17.43 -16.71
CA LEU B 57 6.63 16.57 -17.85
C LEU B 57 7.39 17.35 -18.92
N GLY B 58 8.67 16.99 -19.11
CA GLY B 58 9.54 17.65 -20.07
C GLY B 58 10.72 18.38 -19.46
N ASN B 59 10.66 18.70 -18.17
CA ASN B 59 11.75 19.40 -17.51
C ASN B 59 13.02 18.56 -17.52
N ARG B 60 14.15 19.24 -17.55
CA ARG B 60 15.46 18.58 -17.56
C ARG B 60 16.22 19.02 -16.32
N LEU B 61 16.69 18.06 -15.53
CA LEU B 61 17.37 18.33 -14.28
C LEU B 61 18.75 17.69 -14.28
N PRO B 62 19.71 18.28 -13.57
CA PRO B 62 21.10 17.78 -13.65
C PRO B 62 21.22 16.38 -13.06
N ALA B 63 21.91 15.51 -13.80
CA ALA B 63 21.98 14.11 -13.41
C ALA B 63 22.78 13.91 -12.12
N HIS B 64 23.86 14.67 -11.95
CA HIS B 64 24.73 14.47 -10.80
C HIS B 64 24.14 15.03 -9.52
N ALA B 65 23.15 15.91 -9.62
CA ALA B 65 22.54 16.55 -8.45
C ALA B 65 21.23 15.89 -7.99
N THR B 66 20.77 14.84 -8.66
CA THR B 66 19.52 14.18 -8.32
C THR B 66 19.77 12.79 -7.79
N SER B 67 18.76 12.24 -7.10
CA SER B 67 18.84 10.82 -6.76
C SER B 67 18.56 9.96 -7.98
N THR B 68 17.62 10.37 -8.85
CA THR B 68 17.35 9.58 -10.05
C THR B 68 18.57 9.49 -10.95
N GLY B 69 19.35 10.56 -11.04
CA GLY B 69 20.51 10.54 -11.90
C GLY B 69 21.63 9.71 -11.34
N LYS B 70 21.77 9.68 -10.02
CA LYS B 70 22.80 8.84 -9.43
C LYS B 70 22.43 7.37 -9.60
N VAL B 71 21.19 7.03 -9.25
CA VAL B 71 20.69 5.71 -9.60
C VAL B 71 20.97 5.41 -11.06
N LEU B 72 20.52 6.28 -11.96
CA LEU B 72 20.59 5.96 -13.38
C LEU B 72 22.01 5.94 -13.89
N LEU B 73 22.94 6.58 -13.17
CA LEU B 73 24.35 6.60 -13.55
C LEU B 73 25.15 5.47 -12.90
N SER B 74 24.74 5.02 -11.72
CA SER B 74 25.47 4.01 -10.96
C SER B 74 25.43 2.63 -11.62
N VAL B 75 24.48 2.39 -12.55
CA VAL B 75 24.37 1.08 -13.20
C VAL B 75 25.28 0.94 -14.40
N LEU B 76 26.05 1.97 -14.75
CA LEU B 76 26.93 1.95 -15.90
C LEU B 76 28.32 1.45 -15.49
N ASP B 77 29.00 0.83 -16.46
CA ASP B 77 30.35 0.33 -16.25
C ASP B 77 31.23 1.45 -15.72
N ARG B 78 32.21 1.10 -14.89
CA ARG B 78 33.04 2.12 -14.26
C ARG B 78 33.76 2.97 -15.29
N GLU B 79 34.35 2.34 -16.31
CA GLU B 79 35.06 3.11 -17.33
C GLU B 79 34.12 4.06 -18.06
N VAL B 80 32.89 3.63 -18.31
CA VAL B 80 31.90 4.54 -18.87
C VAL B 80 31.56 5.63 -17.85
N GLN B 81 31.61 5.31 -16.55
CA GLN B 81 31.22 6.28 -15.53
C GLN B 81 32.21 7.43 -15.47
N ILE B 82 33.51 7.14 -15.45
CA ILE B 82 34.51 8.20 -15.40
C ILE B 82 34.40 9.08 -16.64
N GLU B 83 34.01 8.50 -17.78
CA GLU B 83 33.90 9.27 -19.01
C GLU B 83 32.73 10.23 -18.96
N TRP B 84 31.60 9.82 -18.36
CA TRP B 84 30.47 10.72 -18.23
C TRP B 84 30.85 11.94 -17.40
N ILE B 85 31.61 11.72 -16.32
CA ILE B 85 32.07 12.83 -15.49
C ILE B 85 32.97 13.77 -16.28
N GLU B 86 33.92 13.21 -17.02
CA GLU B 86 34.94 14.04 -17.67
C GLU B 86 34.35 14.95 -18.73
N LYS B 87 33.24 14.55 -19.36
CA LYS B 87 32.65 15.36 -20.42
C LYS B 87 31.83 16.52 -19.85
N TYR B 88 30.89 16.22 -18.94
CA TYR B 88 29.93 17.21 -18.48
C TYR B 88 30.32 17.87 -17.16
N GLY B 89 31.32 17.35 -16.45
CA GLY B 89 31.70 17.89 -15.17
C GLY B 89 30.59 17.83 -14.14
N LEU B 90 30.84 18.40 -12.96
CA LEU B 90 29.93 18.30 -11.81
C LEU B 90 29.76 19.70 -11.19
N LYS B 91 28.98 20.56 -11.85
CA LYS B 91 28.91 21.95 -11.41
C LYS B 91 28.10 22.09 -10.11
N ARG B 92 28.47 23.08 -9.30
CA ARG B 92 27.84 23.32 -8.01
C ARG B 92 26.47 23.98 -8.19
N LEU B 93 25.45 23.44 -7.53
CA LEU B 93 24.12 24.05 -7.54
C LEU B 93 23.71 24.54 -6.16
N THR B 94 23.89 23.72 -5.13
CA THR B 94 23.73 24.10 -3.74
C THR B 94 25.01 23.74 -2.99
N PRO B 95 25.15 24.19 -1.71
CA PRO B 95 26.36 23.87 -0.95
C PRO B 95 26.46 22.40 -0.57
N TYR B 96 25.60 21.54 -1.12
CA TYR B 96 25.66 20.12 -0.85
C TYR B 96 26.04 19.29 -2.06
N THR B 97 25.84 19.79 -3.27
CA THR B 97 26.17 19.05 -4.49
C THR B 97 27.59 18.48 -4.43
N ILE B 98 27.73 17.23 -4.90
CA ILE B 98 29.05 16.62 -5.02
C ILE B 98 29.77 17.27 -6.20
N THR B 99 30.99 17.76 -5.94
CA THR B 99 31.80 18.37 -6.98
C THR B 99 33.13 17.68 -7.21
N ASP B 100 33.59 16.84 -6.29
CA ASP B 100 34.80 16.06 -6.46
C ASP B 100 34.48 14.76 -7.19
N GLU B 101 35.40 14.32 -8.07
CA GLU B 101 35.16 13.10 -8.82
C GLU B 101 35.38 11.84 -7.98
N HIS B 102 36.32 11.88 -7.03
CA HIS B 102 36.55 10.70 -6.19
C HIS B 102 35.36 10.43 -5.28
N THR B 103 34.88 11.45 -4.58
CA THR B 103 33.73 11.20 -3.71
C THR B 103 32.47 10.93 -4.52
N PHE B 104 32.40 11.40 -5.76
CA PHE B 104 31.26 11.07 -6.61
C PHE B 104 31.29 9.61 -7.00
N LEU B 105 32.47 9.10 -7.40
CA LEU B 105 32.56 7.69 -7.76
C LEU B 105 32.38 6.79 -6.54
N GLU B 106 32.82 7.23 -5.36
CA GLU B 106 32.55 6.48 -4.13
C GLU B 106 31.07 6.51 -3.77
N THR B 107 30.33 7.51 -4.25
CA THR B 107 28.90 7.54 -4.03
C THR B 107 28.17 6.65 -5.01
N LEU B 108 28.52 6.75 -6.30
CA LEU B 108 27.85 5.95 -7.31
C LEU B 108 27.97 4.47 -7.02
N ASP B 109 29.14 4.02 -6.58
CA ASP B 109 29.38 2.61 -6.35
C ASP B 109 28.96 2.15 -4.97
N ALA B 110 28.20 2.98 -4.25
CA ALA B 110 27.44 2.60 -3.08
C ALA B 110 25.94 2.61 -3.33
N VAL B 111 25.48 3.55 -4.14
CA VAL B 111 24.16 3.44 -4.76
C VAL B 111 24.02 2.11 -5.48
N ARG B 112 25.04 1.71 -6.23
CA ARG B 112 24.96 0.48 -7.00
C ARG B 112 24.74 -0.70 -6.08
N GLN B 113 25.57 -0.85 -5.04
CA GLN B 113 25.47 -1.99 -4.14
C GLN B 113 24.40 -1.77 -3.06
N SER B 114 23.33 -1.03 -3.37
CA SER B 114 22.27 -0.72 -2.40
C SER B 114 20.91 -0.59 -3.06
N ASP B 115 20.91 -0.39 -4.38
CA ASP B 115 19.73 -0.30 -5.23
C ASP B 115 18.82 0.86 -4.89
N TYR B 116 19.35 1.91 -4.27
CA TYR B 116 18.58 3.13 -4.08
C TYR B 116 19.54 4.25 -3.73
N CYS B 117 19.09 5.49 -3.96
CA CYS B 117 19.82 6.67 -3.54
C CYS B 117 18.84 7.68 -2.95
N LEU B 118 19.18 8.23 -1.78
CA LEU B 118 18.44 9.35 -1.18
C LEU B 118 19.31 10.60 -1.22
N SER B 119 18.88 11.60 -2.00
CA SER B 119 19.56 12.89 -2.13
C SER B 119 18.78 13.95 -1.37
N THR B 120 19.48 14.73 -0.55
CA THR B 120 18.85 15.81 0.21
C THR B 120 19.48 17.16 -0.15
N GLU B 121 18.73 17.98 -0.89
CA GLU B 121 19.10 19.36 -1.20
C GLU B 121 20.42 19.43 -1.96
N GLU B 122 20.65 18.44 -2.81
CA GLU B 122 21.85 18.41 -3.63
C GLU B 122 21.71 19.23 -4.90
N HIS B 123 20.48 19.50 -5.30
CA HIS B 123 20.18 20.21 -6.54
C HIS B 123 19.35 21.45 -6.29
N GLU B 124 18.32 21.34 -5.47
CA GLU B 124 17.45 22.44 -5.11
C GLU B 124 17.39 22.52 -3.59
N LEU B 125 17.72 23.68 -3.04
CA LEU B 125 17.54 23.87 -1.61
C LEU B 125 16.06 23.70 -1.25
N GLY B 126 15.81 22.95 -0.17
CA GLY B 126 14.46 22.66 0.28
C GLY B 126 13.79 21.44 -0.33
N VAL B 127 14.50 20.60 -1.07
CA VAL B 127 13.90 19.46 -1.75
C VAL B 127 14.69 18.20 -1.41
N ILE B 128 13.98 17.16 -0.99
CA ILE B 128 14.52 15.83 -0.70
C ILE B 128 13.80 14.83 -1.59
N ALA B 129 14.48 13.73 -1.95
CA ALA B 129 13.88 12.70 -2.79
C ALA B 129 14.62 11.37 -2.68
N ILE B 130 13.88 10.26 -2.75
CA ILE B 130 14.44 8.91 -2.79
C ILE B 130 14.10 8.29 -4.14
N ALA B 131 15.03 7.49 -4.67
CA ALA B 131 14.92 6.91 -6.00
C ALA B 131 15.41 5.46 -6.00
N VAL B 132 14.87 4.66 -6.93
CA VAL B 132 15.25 3.25 -7.11
C VAL B 132 15.28 2.93 -8.61
N PRO B 133 16.22 2.10 -9.07
CA PRO B 133 16.22 1.72 -10.49
C PRO B 133 14.97 0.92 -10.87
N VAL B 134 14.66 0.95 -12.16
CA VAL B 134 13.53 0.19 -12.71
C VAL B 134 14.07 -0.67 -13.83
N LEU B 135 14.02 -1.98 -13.65
CA LEU B 135 14.62 -2.91 -14.59
C LEU B 135 13.59 -3.35 -15.63
N ASN B 136 14.08 -3.66 -16.83
CA ASN B 136 13.26 -4.34 -17.81
C ASN B 136 13.46 -5.85 -17.65
N ALA B 137 12.65 -6.63 -18.36
CA ALA B 137 12.57 -8.06 -18.09
C ALA B 137 13.92 -8.76 -18.26
N GLN B 138 14.79 -8.25 -19.16
CA GLN B 138 16.14 -8.78 -19.32
C GLN B 138 17.08 -8.39 -18.20
N GLY B 139 16.69 -7.47 -17.31
CA GLY B 139 17.47 -7.15 -16.14
C GLY B 139 18.24 -5.85 -16.19
N LEU B 140 18.16 -5.11 -17.30
CA LEU B 140 18.87 -3.84 -17.48
C LEU B 140 18.02 -2.68 -16.96
N THR B 141 18.67 -1.71 -16.31
CA THR B 141 17.98 -0.52 -15.84
C THR B 141 17.58 0.36 -17.01
N ILE B 142 16.32 0.77 -17.04
CA ILE B 142 15.82 1.64 -18.09
C ILE B 142 15.27 2.95 -17.56
N ALA B 143 15.04 3.07 -16.26
CA ALA B 143 14.52 4.31 -15.73
C ALA B 143 14.79 4.32 -14.24
N ALA B 144 14.28 5.33 -13.56
CA ALA B 144 14.28 5.32 -12.12
C ALA B 144 12.89 5.76 -11.66
N LEU B 145 12.40 5.09 -10.64
CA LEU B 145 11.16 5.47 -9.99
C LEU B 145 11.56 6.28 -8.77
N ASN B 146 10.89 7.39 -8.53
CA ASN B 146 11.35 8.19 -7.42
C ASN B 146 10.19 8.94 -6.79
N CYS B 147 10.47 9.46 -5.60
CA CYS B 147 9.50 10.12 -4.74
C CYS B 147 10.07 11.47 -4.32
N SER B 149 9.52 15.13 -2.12
CA SER B 149 8.74 15.99 -1.24
C SER B 149 9.60 17.13 -0.69
N GLN B 150 8.91 18.07 -0.06
CA GLN B 150 9.54 19.18 0.64
C GLN B 150 10.35 18.68 1.82
N THR B 151 11.40 19.42 2.14
CA THR B 151 12.27 19.05 3.25
C THR B 151 11.58 19.19 4.60
N ASN B 152 10.56 20.04 4.70
CA ASN B 152 9.84 20.23 5.96
C ASN B 152 8.56 19.41 6.05
N ARG B 153 8.05 18.92 4.92
CA ARG B 153 6.81 18.14 4.90
C ARG B 153 7.01 16.66 5.14
N VAL B 154 8.22 16.15 4.99
CA VAL B 154 8.50 14.72 5.16
C VAL B 154 9.88 14.58 5.78
N GLN B 155 10.04 13.56 6.72
CA GLN B 155 11.34 13.42 7.36
C GLN B 155 12.18 12.34 6.65
N PRO B 156 13.51 12.42 6.69
CA PRO B 156 14.31 11.52 5.85
C PRO B 156 14.16 10.05 6.22
N GLN B 157 13.84 9.71 7.48
CA GLN B 157 13.73 8.32 7.86
C GLN B 157 12.39 7.71 7.47
N TYR B 158 11.32 8.50 7.49
CA TYR B 158 10.06 8.01 6.94
C TYR B 158 10.26 7.57 5.50
N LEU B 159 11.07 8.29 4.74
CA LEU B 159 11.27 7.90 3.35
C LEU B 159 11.89 6.53 3.25
N ILE B 160 12.89 6.27 4.09
CA ILE B 160 13.54 4.95 4.14
C ILE B 160 12.60 3.89 4.71
N ASP B 161 12.03 4.17 5.88
CA ASP B 161 11.16 3.22 6.56
C ASP B 161 9.91 2.93 5.75
N GLN B 162 9.10 3.96 5.50
CA GLN B 162 7.80 3.66 4.94
C GLN B 162 7.78 3.59 3.42
N VAL B 163 8.50 4.48 2.75
CA VAL B 163 8.33 4.62 1.31
C VAL B 163 9.19 3.61 0.54
N LEU B 164 10.50 3.56 0.82
CA LEU B 164 11.43 2.69 0.09
C LEU B 164 10.92 1.27 -0.18
N PRO B 165 10.37 0.50 0.78
CA PRO B 165 9.89 -0.85 0.42
C PRO B 165 8.76 -0.82 -0.61
N LEU B 166 7.90 0.19 -0.58
CA LEU B 166 6.86 0.30 -1.59
C LEU B 166 7.43 0.53 -2.99
N LEU B 167 8.43 1.43 -3.12
CA LEU B 167 9.08 1.64 -4.41
C LEU B 167 9.74 0.36 -4.91
N ARG B 168 10.34 -0.41 -4.02
CA ARG B 168 10.89 -1.69 -4.44
C ARG B 168 9.79 -2.64 -4.91
N ASN B 169 8.68 -2.72 -4.18
CA ASN B 169 7.59 -3.61 -4.60
C ASN B 169 7.01 -3.17 -5.94
N THR B 170 7.11 -1.88 -6.26
CA THR B 170 6.59 -1.39 -7.53
C THR B 170 7.61 -1.45 -8.67
N ALA B 171 8.90 -1.28 -8.35
CA ALA B 171 9.91 -1.51 -9.37
C ALA B 171 10.11 -2.99 -9.67
N ASN B 172 9.62 -3.88 -8.80
CA ASN B 172 9.64 -5.32 -9.10
C ASN B 172 8.49 -5.74 -9.99
N GLU B 173 7.26 -5.29 -9.69
CA GLU B 173 6.12 -5.70 -10.51
C GLU B 173 6.12 -5.07 -11.88
N LEU B 174 7.01 -4.12 -12.15
CA LEU B 174 7.15 -3.52 -13.47
C LEU B 174 8.11 -4.29 -14.38
N ARG B 175 9.01 -5.09 -13.81
CA ARG B 175 10.03 -5.76 -14.63
C ARG B 175 9.41 -6.66 -15.69
N ASN B 176 8.23 -7.22 -15.42
CA ASN B 176 7.57 -8.05 -16.42
C ASN B 176 6.81 -7.21 -17.44
N LEU B 177 6.29 -6.06 -17.03
CA LEU B 177 5.38 -5.28 -17.86
C LEU B 177 6.09 -4.33 -18.83
N VAL B 178 7.41 -4.16 -18.71
CA VAL B 178 8.14 -3.25 -19.56
C VAL B 178 9.47 -3.86 -20.05
N HIS C 5 -8.81 -13.04 -19.60
CA HIS C 5 -10.05 -12.55 -20.16
C HIS C 5 -10.30 -11.12 -19.72
N LEU C 6 -11.44 -10.85 -19.09
CA LEU C 6 -11.74 -9.48 -18.68
C LEU C 6 -10.69 -8.88 -17.74
N PRO C 7 -10.03 -9.64 -16.82
CA PRO C 7 -8.85 -9.07 -16.15
C PRO C 7 -7.56 -9.34 -16.92
N LYS C 8 -6.72 -8.32 -17.05
CA LYS C 8 -5.37 -8.47 -17.60
C LYS C 8 -4.34 -8.03 -16.57
N VAL C 9 -4.24 -6.74 -16.27
CA VAL C 9 -3.23 -6.21 -15.35
C VAL C 9 -3.58 -6.50 -13.89
N ALA C 10 -4.71 -7.16 -13.64
CA ALA C 10 -5.16 -7.42 -12.28
C ALA C 10 -4.10 -8.14 -11.44
N GLN C 11 -3.40 -9.11 -12.04
CA GLN C 11 -2.33 -9.82 -11.34
C GLN C 11 -1.41 -8.88 -10.59
N SER C 12 -0.87 -7.88 -11.29
CA SER C 12 0.19 -7.05 -10.71
C SER C 12 -0.31 -6.28 -9.51
N PHE C 13 -1.48 -5.63 -9.62
CA PHE C 13 -2.07 -4.98 -8.45
C PHE C 13 -2.19 -5.96 -7.28
N LEU C 14 -2.69 -7.16 -7.57
CA LEU C 14 -2.89 -8.15 -6.52
C LEU C 14 -1.61 -8.45 -5.75
N ASN C 15 -0.49 -8.63 -6.46
CA ASN C 15 0.76 -8.96 -5.79
C ASN C 15 1.32 -7.79 -4.97
N LEU C 16 1.01 -6.55 -5.34
CA LEU C 16 1.53 -5.41 -4.57
C LEU C 16 0.82 -5.28 -3.22
N LEU C 17 -0.45 -5.68 -3.15
CA LEU C 17 -1.13 -5.79 -1.86
C LEU C 17 -0.59 -6.96 -1.07
N CYS C 18 -0.13 -7.99 -1.77
CA CYS C 18 0.43 -9.16 -1.11
C CYS C 18 1.75 -8.83 -0.45
N ALA C 19 2.72 -8.35 -1.25
CA ALA C 19 4.06 -8.05 -0.76
C ALA C 19 4.09 -6.95 0.27
N GLN C 20 2.99 -6.24 0.44
CA GLN C 20 2.87 -5.22 1.46
C GLN C 20 2.33 -5.74 2.78
N THR C 21 1.26 -6.56 2.73
CA THR C 21 0.56 -7.04 3.90
C THR C 21 0.77 -8.52 4.18
N SER C 22 1.35 -9.27 3.25
CA SER C 22 1.75 -10.66 3.48
C SER C 22 0.52 -11.51 3.79
N LEU C 23 -0.58 -11.17 3.15
CA LEU C 23 -1.86 -11.84 3.11
C LEU C 23 -2.13 -12.22 1.66
N THR C 24 -3.33 -12.72 1.39
CA THR C 24 -3.69 -13.15 0.04
C THR C 24 -4.89 -12.35 -0.44
N PHE C 25 -4.93 -12.09 -1.75
CA PHE C 25 -5.93 -11.25 -2.34
C PHE C 25 -6.41 -11.89 -3.64
N SER C 26 -7.68 -11.69 -3.97
CA SER C 26 -8.23 -12.28 -5.16
C SER C 26 -9.32 -11.41 -5.75
N ILE C 27 -9.63 -11.65 -7.02
CA ILE C 27 -10.79 -11.09 -7.69
C ILE C 27 -11.78 -12.23 -7.92
N VAL C 28 -13.04 -12.00 -7.55
CA VAL C 28 -14.06 -13.03 -7.55
C VAL C 28 -15.28 -12.56 -8.34
N VAL C 29 -15.90 -13.49 -9.08
CA VAL C 29 -17.07 -13.21 -9.89
C VAL C 29 -18.19 -14.11 -9.42
N LEU C 30 -19.42 -13.73 -9.77
CA LEU C 30 -20.62 -14.42 -9.32
C LEU C 30 -21.21 -15.24 -10.46
N ASP C 31 -21.48 -16.52 -10.19
CA ASP C 31 -22.13 -17.44 -11.12
C ASP C 31 -23.34 -18.03 -10.39
N GLU C 32 -24.48 -17.33 -10.44
CA GLU C 32 -25.74 -17.75 -9.84
C GLU C 32 -25.66 -17.97 -8.33
N HIS C 33 -25.48 -19.21 -7.88
N HIS C 33 -25.48 -19.23 -7.90
CA HIS C 33 -25.45 -19.47 -6.45
CA HIS C 33 -25.44 -19.59 -6.48
C HIS C 33 -24.04 -19.41 -5.87
C HIS C 33 -24.06 -19.45 -5.87
N GLU C 34 -23.01 -19.41 -6.70
CA GLU C 34 -21.65 -19.46 -6.21
C GLU C 34 -20.84 -18.26 -6.70
N VAL C 35 -19.68 -18.08 -6.09
CA VAL C 35 -18.73 -17.04 -6.45
C VAL C 35 -17.43 -17.72 -6.85
N VAL C 36 -16.76 -17.17 -7.84
CA VAL C 36 -15.65 -17.87 -8.48
C VAL C 36 -14.43 -16.96 -8.57
N PRO C 37 -13.36 -17.20 -7.80
CA PRO C 37 -12.15 -16.40 -7.96
C PRO C 37 -11.61 -16.49 -9.38
N VAL C 38 -11.07 -15.38 -9.86
CA VAL C 38 -10.64 -15.30 -11.26
C VAL C 38 -9.17 -14.95 -11.33
N ALA C 39 -8.66 -14.17 -10.36
CA ALA C 39 -7.23 -14.01 -10.19
C ALA C 39 -6.89 -14.11 -8.71
N ARG C 40 -5.65 -14.47 -8.43
CA ARG C 40 -5.22 -14.69 -7.07
C ARG C 40 -3.82 -14.12 -6.96
N SER C 41 -3.40 -13.77 -5.75
CA SER C 41 -2.09 -13.18 -5.53
C SER C 41 -1.05 -14.27 -5.31
N TYR C 42 -0.15 -14.46 -6.29
CA TYR C 42 0.94 -15.44 -6.20
C TYR C 42 2.24 -14.73 -5.89
N LEU C 43 2.79 -14.94 -4.70
CA LEU C 43 4.15 -14.55 -4.35
C LEU C 43 4.84 -15.71 -3.66
N PRO C 44 5.54 -16.56 -4.41
CA PRO C 44 6.01 -17.83 -3.85
C PRO C 44 6.92 -17.72 -2.62
N GLN C 45 7.62 -16.61 -2.42
CA GLN C 45 8.51 -16.52 -1.27
C GLN C 45 7.74 -16.46 0.03
N GLN C 46 6.49 -16.00 -0.01
CA GLN C 46 5.64 -15.93 1.16
C GLN C 46 4.47 -16.89 1.10
N ASP C 47 3.75 -16.91 -0.03
CA ASP C 47 2.53 -17.71 -0.19
C ASP C 47 2.90 -19.17 -0.46
N ASN C 48 2.67 -20.03 0.52
CA ASN C 48 2.61 -21.45 0.22
C ASN C 48 1.41 -21.73 -0.65
N ARG C 49 1.55 -22.65 -1.61
CA ARG C 49 0.45 -22.94 -2.52
C ARG C 49 -0.73 -23.54 -1.76
N VAL C 50 -0.46 -24.45 -0.82
CA VAL C 50 -1.53 -25.07 -0.06
C VAL C 50 -2.17 -24.03 0.85
N SER C 51 -3.48 -23.80 0.65
CA SER C 51 -4.33 -22.92 1.46
C SER C 51 -5.74 -23.53 1.55
N PRO C 52 -6.67 -22.95 2.32
CA PRO C 52 -8.03 -23.48 2.35
C PRO C 52 -8.74 -23.38 1.01
N TYR C 53 -9.92 -24.01 0.95
CA TYR C 53 -10.78 -23.93 -0.22
C TYR C 53 -11.32 -22.52 -0.34
N GLY C 54 -11.25 -21.96 -1.55
CA GLY C 54 -11.60 -20.59 -1.83
C GLY C 54 -10.40 -19.74 -2.21
N HIS C 56 -7.89 -20.64 -4.15
CA HIS C 56 -7.34 -21.21 -5.38
C HIS C 56 -8.25 -20.86 -6.56
N LEU C 57 -7.70 -21.01 -7.76
CA LEU C 57 -8.44 -20.65 -8.96
C LEU C 57 -9.52 -21.68 -9.27
N GLY C 58 -10.73 -21.18 -9.57
CA GLY C 58 -11.79 -22.00 -10.09
C GLY C 58 -12.73 -22.58 -9.05
N ASN C 59 -12.38 -22.52 -7.77
CA ASN C 59 -13.24 -22.96 -6.67
C ASN C 59 -14.59 -22.23 -6.73
N ARG C 60 -15.62 -22.88 -6.17
CA ARG C 60 -16.97 -22.32 -6.16
C ARG C 60 -17.54 -22.36 -4.75
N LEU C 61 -18.00 -21.21 -4.24
CA LEU C 61 -18.45 -21.08 -2.85
C LEU C 61 -19.81 -20.42 -2.78
N PRO C 62 -20.66 -20.80 -1.82
CA PRO C 62 -22.01 -20.23 -1.76
C PRO C 62 -21.97 -18.73 -1.45
N ALA C 63 -22.69 -17.96 -2.26
CA ALA C 63 -22.60 -16.51 -2.15
C ALA C 63 -22.95 -16.03 -0.74
N HIS C 64 -24.10 -16.48 -0.21
CA HIS C 64 -24.53 -15.97 1.10
C HIS C 64 -23.50 -16.17 2.19
N ALA C 65 -22.52 -17.04 1.98
CA ALA C 65 -21.58 -17.41 3.03
C ALA C 65 -20.22 -16.75 2.90
N THR C 66 -19.97 -16.02 1.82
CA THR C 66 -18.67 -15.39 1.62
C THR C 66 -18.81 -13.88 1.63
N SER C 67 -17.72 -13.19 2.01
CA SER C 67 -17.64 -11.73 1.88
C SER C 67 -17.93 -11.28 0.46
N THR C 68 -17.17 -11.80 -0.50
CA THR C 68 -17.37 -11.43 -1.90
C THR C 68 -18.78 -11.79 -2.38
N GLY C 69 -19.38 -12.84 -1.82
CA GLY C 69 -20.73 -13.21 -2.24
C GLY C 69 -21.74 -12.14 -1.87
N LYS C 70 -21.68 -11.67 -0.63
CA LYS C 70 -22.60 -10.65 -0.16
C LYS C 70 -22.34 -9.28 -0.83
N VAL C 71 -21.09 -8.95 -1.17
CA VAL C 71 -20.82 -7.71 -1.91
C VAL C 71 -21.53 -7.76 -3.26
N LEU C 72 -21.18 -8.76 -4.07
CA LEU C 72 -21.81 -9.00 -5.37
C LEU C 72 -23.33 -9.11 -5.28
N LEU C 73 -23.87 -9.59 -4.14
CA LEU C 73 -25.31 -9.71 -4.02
C LEU C 73 -25.98 -8.38 -3.72
N SER C 74 -25.29 -7.45 -3.05
CA SER C 74 -25.94 -6.23 -2.57
C SER C 74 -26.29 -5.26 -3.71
N VAL C 75 -25.59 -5.34 -4.85
CA VAL C 75 -25.77 -4.34 -5.91
C VAL C 75 -26.99 -4.63 -6.79
N LEU C 76 -27.75 -5.67 -6.50
CA LEU C 76 -28.88 -6.08 -7.33
C LEU C 76 -30.17 -5.49 -6.78
N ASP C 77 -31.14 -5.26 -7.67
CA ASP C 77 -32.44 -4.79 -7.25
C ASP C 77 -32.97 -5.68 -6.14
N ARG C 78 -33.75 -5.09 -5.23
CA ARG C 78 -34.29 -5.86 -4.12
C ARG C 78 -35.10 -7.04 -4.63
N GLU C 79 -36.01 -6.79 -5.57
CA GLU C 79 -36.84 -7.85 -6.14
C GLU C 79 -35.98 -9.03 -6.61
N VAL C 80 -34.83 -8.74 -7.20
CA VAL C 80 -33.93 -9.79 -7.67
C VAL C 80 -33.28 -10.52 -6.50
N GLN C 81 -32.83 -9.77 -5.48
CA GLN C 81 -32.29 -10.37 -4.25
C GLN C 81 -33.27 -11.39 -3.65
N ILE C 82 -34.51 -10.96 -3.41
CA ILE C 82 -35.56 -11.83 -2.91
C ILE C 82 -35.64 -13.10 -3.75
N GLU C 83 -35.78 -12.95 -5.06
CA GLU C 83 -35.91 -14.13 -5.91
C GLU C 83 -34.67 -15.02 -5.82
N TRP C 84 -33.51 -14.45 -5.51
CA TRP C 84 -32.33 -15.28 -5.29
C TRP C 84 -32.46 -16.09 -4.01
N ILE C 85 -32.88 -15.47 -2.91
CA ILE C 85 -33.01 -16.25 -1.69
C ILE C 85 -34.15 -17.25 -1.80
N GLU C 86 -35.19 -16.92 -2.55
CA GLU C 86 -36.26 -17.90 -2.75
C GLU C 86 -35.74 -19.10 -3.51
N LYS C 87 -34.91 -18.88 -4.55
CA LYS C 87 -34.47 -19.98 -5.38
C LYS C 87 -33.44 -20.86 -4.67
N TYR C 88 -32.47 -20.25 -4.00
CA TYR C 88 -31.33 -20.95 -3.46
C TYR C 88 -31.27 -21.05 -1.95
N GLY C 89 -32.11 -20.31 -1.22
CA GLY C 89 -32.08 -20.36 0.22
C GLY C 89 -30.75 -19.96 0.79
N LEU C 90 -30.64 -20.17 2.11
CA LEU C 90 -29.46 -19.79 2.90
C LEU C 90 -29.02 -21.00 3.75
N LYS C 91 -28.37 -21.96 3.08
CA LYS C 91 -27.90 -23.18 3.76
C LYS C 91 -26.89 -22.84 4.86
N ARG C 92 -27.09 -23.44 6.03
CA ARG C 92 -26.20 -23.24 7.18
C ARG C 92 -24.92 -24.05 6.99
N LEU C 93 -23.77 -23.37 7.00
CA LEU C 93 -22.47 -24.01 6.93
C LEU C 93 -21.74 -24.05 8.27
N THR C 94 -21.76 -22.97 9.03
CA THR C 94 -21.09 -22.88 10.32
C THR C 94 -22.03 -22.24 11.33
N PRO C 95 -21.68 -22.29 12.63
CA PRO C 95 -22.56 -21.65 13.63
C PRO C 95 -22.55 -20.14 13.54
N TYR C 96 -21.99 -19.59 12.46
CA TYR C 96 -21.99 -18.16 12.18
C TYR C 96 -22.57 -17.84 10.81
N THR C 97 -23.10 -18.82 10.10
CA THR C 97 -23.71 -18.52 8.81
C THR C 97 -25.01 -17.78 9.02
N ILE C 98 -25.23 -16.76 8.20
CA ILE C 98 -26.48 -16.01 8.24
C ILE C 98 -27.56 -16.88 7.60
N THR C 99 -28.53 -17.31 8.39
CA THR C 99 -29.56 -18.20 7.88
C THR C 99 -30.92 -17.54 7.74
N ASP C 100 -31.14 -16.38 8.35
CA ASP C 100 -32.43 -15.69 8.29
C ASP C 100 -32.47 -14.74 7.12
N GLU C 101 -33.61 -14.71 6.43
CA GLU C 101 -33.75 -13.84 5.28
C GLU C 101 -33.85 -12.37 5.69
N HIS C 102 -34.44 -12.10 6.85
CA HIS C 102 -34.48 -10.73 7.36
C HIS C 102 -33.07 -10.24 7.64
N THR C 103 -32.33 -10.99 8.45
CA THR C 103 -30.96 -10.61 8.76
C THR C 103 -30.12 -10.52 7.49
N PHE C 104 -30.39 -11.39 6.52
CA PHE C 104 -29.62 -11.35 5.29
C PHE C 104 -29.88 -10.06 4.54
N LEU C 105 -31.15 -9.74 4.31
CA LEU C 105 -31.44 -8.52 3.56
C LEU C 105 -30.97 -7.30 4.31
N GLU C 106 -30.90 -7.35 5.64
CA GLU C 106 -30.34 -6.23 6.37
C GLU C 106 -28.84 -6.12 6.17
N THR C 107 -28.12 -7.22 6.33
CA THR C 107 -26.68 -7.17 6.09
C THR C 107 -26.40 -6.70 4.66
N LEU C 108 -27.16 -7.21 3.68
CA LEU C 108 -27.00 -6.76 2.31
C LEU C 108 -27.35 -5.30 2.14
N ASP C 109 -28.24 -4.75 2.98
CA ASP C 109 -28.49 -3.31 2.91
C ASP C 109 -27.29 -2.52 3.40
N ALA C 110 -26.79 -2.85 4.59
CA ALA C 110 -25.61 -2.15 5.11
C ALA C 110 -24.38 -2.38 4.24
N VAL C 111 -24.37 -3.45 3.45
CA VAL C 111 -23.19 -3.65 2.61
C VAL C 111 -23.29 -2.85 1.32
N ARG C 112 -24.49 -2.65 0.76
CA ARG C 112 -24.61 -1.69 -0.33
C ARG C 112 -24.08 -0.31 0.09
N GLN C 113 -24.31 0.09 1.34
CA GLN C 113 -24.08 1.45 1.79
C GLN C 113 -22.69 1.70 2.34
N SER C 114 -21.87 0.68 2.51
CA SER C 114 -20.51 0.88 2.97
C SER C 114 -19.48 0.51 1.91
N ASP C 115 -19.88 -0.22 0.88
CA ASP C 115 -18.96 -0.69 -0.16
C ASP C 115 -17.88 -1.61 0.41
N TYR C 116 -18.17 -2.30 1.52
CA TYR C 116 -17.26 -3.33 2.01
C TYR C 116 -18.04 -4.37 2.81
N CYS C 117 -17.41 -5.52 3.03
CA CYS C 117 -18.00 -6.53 3.89
C CYS C 117 -16.91 -7.31 4.60
N LEU C 118 -17.02 -7.38 5.93
CA LEU C 118 -16.11 -8.18 6.73
C LEU C 118 -16.84 -9.44 7.14
N SER C 119 -16.55 -10.55 6.46
CA SER C 119 -17.18 -11.83 6.76
C SER C 119 -16.26 -12.68 7.62
N THR C 120 -16.76 -13.14 8.74
CA THR C 120 -15.96 -13.86 9.72
C THR C 120 -16.55 -15.27 9.90
N GLU C 121 -15.88 -16.26 9.29
CA GLU C 121 -16.17 -17.67 9.49
C GLU C 121 -17.61 -18.01 9.21
N GLU C 122 -18.16 -17.43 8.14
CA GLU C 122 -19.49 -17.83 7.72
C GLU C 122 -19.45 -18.96 6.69
N HIS C 123 -18.26 -19.53 6.44
CA HIS C 123 -18.14 -20.57 5.43
C HIS C 123 -17.29 -21.72 5.98
N GLU C 124 -16.10 -21.41 6.47
CA GLU C 124 -15.27 -22.37 7.16
C GLU C 124 -14.83 -21.78 8.49
N LEU C 125 -14.88 -22.60 9.54
CA LEU C 125 -14.27 -22.18 10.78
C LEU C 125 -12.80 -21.86 10.55
N GLY C 126 -12.37 -20.68 11.02
CA GLY C 126 -10.97 -20.31 10.98
C GLY C 126 -10.52 -19.48 9.78
N VAL C 127 -11.43 -18.77 9.11
CA VAL C 127 -11.11 -17.95 7.93
C VAL C 127 -11.78 -16.58 8.07
N ILE C 128 -11.10 -15.52 7.65
CA ILE C 128 -11.64 -14.16 7.75
C ILE C 128 -11.38 -13.43 6.44
N ALA C 129 -12.32 -12.56 6.03
CA ALA C 129 -12.22 -11.93 4.72
C ALA C 129 -12.95 -10.61 4.69
N ILE C 130 -12.39 -9.64 3.95
CA ILE C 130 -13.01 -8.35 3.69
C ILE C 130 -12.97 -8.11 2.17
N ALA C 131 -14.08 -7.63 1.60
CA ALA C 131 -14.15 -7.39 0.16
C ALA C 131 -14.72 -6.02 -0.15
N VAL C 132 -14.37 -5.51 -1.34
CA VAL C 132 -14.92 -4.27 -1.88
C VAL C 132 -15.48 -4.52 -3.29
N PRO C 133 -16.52 -3.79 -3.71
CA PRO C 133 -16.98 -3.88 -5.10
C PRO C 133 -15.98 -3.30 -6.10
N VAL C 134 -15.75 -4.03 -7.18
CA VAL C 134 -14.96 -3.54 -8.30
C VAL C 134 -15.91 -3.12 -9.39
N LEU C 135 -15.75 -1.90 -9.88
CA LEU C 135 -16.67 -1.33 -10.84
C LEU C 135 -16.02 -1.30 -12.22
N ASN C 136 -16.87 -1.30 -13.25
CA ASN C 136 -16.42 -0.94 -14.59
C ASN C 136 -16.75 0.53 -14.81
N ALA C 137 -16.27 1.06 -15.94
CA ALA C 137 -16.40 2.49 -16.20
C ALA C 137 -17.85 2.98 -16.11
N GLN C 138 -18.81 2.12 -16.44
CA GLN C 138 -20.25 2.44 -16.42
C GLN C 138 -20.84 2.51 -15.02
N GLY C 139 -20.06 2.30 -13.95
CA GLY C 139 -20.56 2.38 -12.60
C GLY C 139 -21.25 1.12 -12.10
N LEU C 140 -21.38 0.09 -12.92
CA LEU C 140 -21.94 -1.18 -12.53
C LEU C 140 -20.84 -2.12 -12.04
N THR C 141 -21.13 -2.89 -11.00
CA THR C 141 -20.14 -3.77 -10.39
C THR C 141 -20.01 -5.06 -11.18
N ILE C 142 -18.77 -5.46 -11.42
CA ILE C 142 -18.47 -6.61 -12.28
C ILE C 142 -17.67 -7.67 -11.57
N ALA C 143 -17.11 -7.38 -10.41
CA ALA C 143 -16.47 -8.37 -9.56
C ALA C 143 -16.28 -7.74 -8.20
N ALA C 144 -16.01 -8.56 -7.21
CA ALA C 144 -15.48 -8.03 -5.96
C ALA C 144 -14.00 -8.39 -5.84
N LEU C 145 -13.34 -7.72 -4.92
CA LEU C 145 -11.92 -7.90 -4.67
C LEU C 145 -11.80 -7.99 -3.17
N ASN C 146 -11.07 -8.99 -2.67
CA ASN C 146 -11.08 -9.25 -1.23
C ASN C 146 -9.70 -9.64 -0.72
N CYS C 147 -9.63 -9.81 0.58
CA CYS C 147 -8.43 -10.22 1.30
C CYS C 147 -8.78 -11.37 2.24
N SER C 149 -7.55 -14.37 5.03
CA SER C 149 -6.54 -15.05 5.84
C SER C 149 -7.24 -15.87 6.93
N GLN C 150 -6.45 -16.34 7.87
CA GLN C 150 -6.90 -17.12 9.01
C GLN C 150 -7.13 -16.19 10.19
N THR C 151 -8.13 -16.54 10.98
CA THR C 151 -8.49 -15.77 12.17
C THR C 151 -7.32 -15.66 13.16
N ASN C 152 -6.37 -16.59 13.11
CA ASN C 152 -5.26 -16.59 14.06
C ASN C 152 -4.02 -15.88 13.54
N ARG C 153 -4.00 -15.52 12.26
CA ARG C 153 -2.94 -14.65 11.74
C ARG C 153 -3.29 -13.20 12.04
N VAL C 154 -4.38 -12.73 11.43
CA VAL C 154 -4.77 -11.33 11.39
C VAL C 154 -5.91 -11.10 12.37
N GLN C 155 -5.99 -9.88 12.85
CA GLN C 155 -7.12 -9.48 13.66
C GLN C 155 -8.05 -8.59 12.85
N PRO C 156 -9.35 -8.59 13.15
CA PRO C 156 -10.31 -7.89 12.28
C PRO C 156 -10.12 -6.39 12.21
N GLN C 157 -9.46 -5.76 13.19
CA GLN C 157 -9.22 -4.33 13.08
C GLN C 157 -7.96 -4.02 12.27
N TYR C 158 -7.00 -4.95 12.17
CA TYR C 158 -5.94 -4.78 11.17
C TYR C 158 -6.54 -4.67 9.79
N LEU C 159 -7.61 -5.45 9.53
CA LEU C 159 -8.20 -5.47 8.21
C LEU C 159 -9.03 -4.24 7.92
N ILE C 160 -9.59 -3.61 8.94
CA ILE C 160 -10.37 -2.39 8.70
C ILE C 160 -9.46 -1.16 8.65
N ASP C 161 -8.59 -1.00 9.66
CA ASP C 161 -7.69 0.15 9.69
C ASP C 161 -6.72 0.12 8.52
N GLN C 162 -5.88 -0.91 8.44
CA GLN C 162 -4.67 -0.88 7.63
C GLN C 162 -4.78 -1.60 6.28
N VAL C 163 -5.92 -2.21 5.94
CA VAL C 163 -6.04 -3.03 4.73
C VAL C 163 -7.15 -2.53 3.80
N LEU C 164 -8.35 -2.36 4.33
CA LEU C 164 -9.50 -1.85 3.58
C LEU C 164 -9.15 -0.67 2.65
N PRO C 165 -8.53 0.41 3.16
CA PRO C 165 -8.24 1.53 2.27
C PRO C 165 -7.27 1.21 1.16
N LEU C 166 -6.42 0.20 1.33
CA LEU C 166 -5.63 -0.31 0.20
C LEU C 166 -6.53 -0.96 -0.85
N LEU C 167 -7.50 -1.77 -0.39
CA LEU C 167 -8.47 -2.37 -1.31
C LEU C 167 -9.25 -1.31 -2.08
N ARG C 168 -9.75 -0.28 -1.38
CA ARG C 168 -10.47 0.80 -2.07
C ARG C 168 -9.58 1.51 -3.11
N ASN C 169 -8.33 1.85 -2.74
CA ASN C 169 -7.40 2.44 -3.71
C ASN C 169 -7.28 1.56 -4.96
N THR C 170 -7.02 0.27 -4.75
CA THR C 170 -6.76 -0.62 -5.89
C THR C 170 -8.00 -0.78 -6.75
N ALA C 171 -9.18 -0.85 -6.12
CA ALA C 171 -10.42 -0.95 -6.90
C ALA C 171 -10.71 0.35 -7.64
N ASN C 172 -10.31 1.49 -7.06
CA ASN C 172 -10.40 2.78 -7.76
C ASN C 172 -9.53 2.77 -9.01
N GLU C 173 -8.24 2.49 -8.85
CA GLU C 173 -7.37 2.52 -10.02
C GLU C 173 -7.55 1.32 -10.93
N LEU C 174 -8.52 0.43 -10.65
CA LEU C 174 -8.94 -0.61 -11.58
C LEU C 174 -10.19 -0.22 -12.35
N ARG C 175 -10.96 0.73 -11.82
CA ARG C 175 -12.24 1.10 -12.42
C ARG C 175 -12.04 1.68 -13.82
N ASN C 176 -11.10 2.61 -13.96
CA ASN C 176 -10.84 3.18 -15.27
C ASN C 176 -9.99 2.26 -16.15
N LEU C 177 -9.42 1.21 -15.58
CA LEU C 177 -8.68 0.20 -16.35
C LEU C 177 -9.57 -0.93 -16.86
N VAL C 178 -10.80 -1.08 -16.37
CA VAL C 178 -11.73 -2.05 -16.97
C VAL C 178 -12.69 -1.35 -17.94
N ALA D 4 36.93 -20.28 9.14
CA ALA D 4 37.12 -21.31 10.15
C ALA D 4 36.05 -21.24 11.24
N HIS D 5 36.09 -20.16 12.03
CA HIS D 5 35.09 -19.91 13.06
C HIS D 5 34.18 -18.79 12.54
N LEU D 6 32.95 -19.14 12.24
CA LEU D 6 32.04 -18.28 11.50
C LEU D 6 31.56 -17.11 12.35
N PRO D 7 31.15 -17.34 13.75
CA PRO D 7 30.82 -16.16 14.59
C PRO D 7 31.98 -15.59 15.40
N LYS D 8 32.81 -14.76 14.74
CA LYS D 8 33.79 -13.96 15.48
C LYS D 8 33.09 -12.90 16.31
N VAL D 9 32.40 -11.97 15.65
CA VAL D 9 31.58 -10.98 16.33
C VAL D 9 30.10 -11.18 16.04
N ALA D 10 29.75 -12.08 15.11
CA ALA D 10 28.37 -12.36 14.71
C ALA D 10 27.44 -12.50 15.91
N GLN D 11 27.97 -13.03 17.02
CA GLN D 11 27.18 -13.14 18.23
C GLN D 11 26.58 -11.79 18.64
N SER D 12 27.37 -10.72 18.50
CA SER D 12 26.93 -9.40 18.96
C SER D 12 25.83 -8.82 18.06
N PHE D 13 25.96 -9.01 16.75
CA PHE D 13 24.95 -8.58 15.81
C PHE D 13 23.62 -9.30 16.02
N LEU D 14 23.67 -10.54 16.50
CA LEU D 14 22.46 -11.28 16.82
C LEU D 14 21.87 -10.83 18.14
N ASN D 15 22.71 -10.63 19.16
CA ASN D 15 22.25 -10.02 20.40
C ASN D 15 21.55 -8.68 20.14
N LEU D 16 22.09 -7.87 19.20
CA LEU D 16 21.50 -6.56 18.96
C LEU D 16 20.10 -6.68 18.37
N LEU D 17 19.91 -7.65 17.47
CA LEU D 17 18.60 -7.87 16.89
C LEU D 17 17.57 -8.33 17.93
N CYS D 18 17.92 -9.32 18.76
CA CYS D 18 17.03 -9.73 19.84
C CYS D 18 16.82 -8.61 20.85
N ALA D 19 17.75 -7.66 20.92
CA ALA D 19 17.67 -6.64 21.97
C ALA D 19 16.56 -5.62 21.72
N GLN D 20 16.15 -5.43 20.47
CA GLN D 20 15.12 -4.45 20.18
C GLN D 20 13.81 -5.08 19.73
N THR D 21 13.82 -6.36 19.36
CA THR D 21 12.61 -7.05 18.94
C THR D 21 12.19 -8.19 19.84
N SER D 22 13.12 -8.71 20.67
CA SER D 22 12.88 -9.80 21.63
C SER D 22 12.53 -11.12 20.99
N LEU D 23 12.84 -11.29 19.70
CA LEU D 23 12.72 -12.56 19.02
C LEU D 23 14.09 -13.21 18.99
N THR D 24 14.16 -14.36 18.33
CA THR D 24 15.36 -15.18 18.31
C THR D 24 15.94 -15.18 16.91
N PHE D 25 17.23 -14.88 16.80
CA PHE D 25 17.90 -14.82 15.51
C PHE D 25 19.05 -15.82 15.50
N SER D 26 19.38 -16.35 14.32
CA SER D 26 20.51 -17.25 14.21
C SER D 26 21.17 -17.19 12.83
N ILE D 27 22.49 -17.49 12.83
CA ILE D 27 23.21 -17.88 11.61
C ILE D 27 23.03 -19.37 11.42
N VAL D 28 22.96 -19.78 10.17
CA VAL D 28 22.66 -21.15 9.80
C VAL D 28 23.43 -21.50 8.56
N VAL D 29 24.04 -22.68 8.54
CA VAL D 29 24.83 -23.11 7.40
C VAL D 29 24.22 -24.39 6.85
N LEU D 30 24.23 -24.51 5.53
CA LEU D 30 23.79 -25.74 4.88
C LEU D 30 24.90 -26.78 4.98
N ASP D 31 24.58 -27.94 5.54
CA ASP D 31 25.49 -29.09 5.61
C ASP D 31 24.70 -30.29 5.03
N GLU D 32 24.83 -30.49 3.72
CA GLU D 32 24.21 -31.60 3.01
C GLU D 32 22.69 -31.51 2.99
N HIS D 33 22.03 -32.18 3.93
CA HIS D 33 20.57 -32.33 3.98
C HIS D 33 19.91 -31.24 4.79
N GLU D 34 20.58 -30.76 5.81
CA GLU D 34 19.93 -30.00 6.85
C GLU D 34 20.64 -28.69 7.10
N VAL D 35 19.84 -27.65 7.34
CA VAL D 35 20.35 -26.46 7.97
C VAL D 35 20.88 -26.83 9.35
N VAL D 36 22.02 -26.25 9.69
CA VAL D 36 22.63 -26.43 11.00
C VAL D 36 22.85 -25.04 11.59
N PRO D 37 22.18 -24.68 12.69
CA PRO D 37 22.47 -23.42 13.35
C PRO D 37 23.88 -23.39 13.93
N VAL D 38 24.52 -22.23 13.86
CA VAL D 38 25.93 -22.12 14.19
C VAL D 38 26.18 -20.96 15.16
N ALA D 39 25.16 -20.13 15.38
CA ALA D 39 25.19 -19.02 16.34
C ALA D 39 23.76 -18.56 16.60
N ARG D 40 23.50 -18.11 17.83
CA ARG D 40 22.14 -17.73 18.19
C ARG D 40 22.17 -16.55 19.16
N SER D 41 21.22 -15.63 18.99
CA SER D 41 20.97 -14.59 19.99
C SER D 41 20.88 -15.17 21.39
N TYR D 42 21.65 -14.61 22.33
CA TYR D 42 21.46 -14.94 23.74
C TYR D 42 21.72 -13.70 24.59
N LEU D 43 20.66 -13.18 25.22
CA LEU D 43 20.77 -12.14 26.24
C LEU D 43 20.33 -12.70 27.58
N PRO D 44 21.27 -13.09 28.45
CA PRO D 44 20.88 -13.74 29.70
C PRO D 44 19.83 -13.01 30.51
N GLN D 45 19.93 -11.69 30.62
CA GLN D 45 18.98 -10.93 31.44
C GLN D 45 17.52 -11.17 31.06
N GLN D 46 17.27 -11.76 29.91
CA GLN D 46 15.88 -11.90 29.47
C GLN D 46 15.61 -13.15 28.66
N ASP D 47 16.57 -14.05 28.49
CA ASP D 47 16.37 -15.27 27.73
C ASP D 47 16.65 -16.50 28.56
N ASN D 48 16.19 -17.63 28.03
CA ASN D 48 16.35 -18.93 28.63
C ASN D 48 17.20 -19.81 27.74
N ARG D 49 17.99 -20.68 28.35
CA ARG D 49 18.63 -21.77 27.64
C ARG D 49 17.90 -23.07 28.00
N VAL D 50 16.66 -23.18 27.51
CA VAL D 50 15.89 -24.39 27.74
C VAL D 50 16.37 -25.46 26.78
N HIS D 56 18.57 -25.06 21.23
CA HIS D 56 18.20 -25.06 19.82
C HIS D 56 19.38 -25.35 18.88
N LEU D 57 20.59 -24.90 19.24
CA LEU D 57 21.76 -25.02 18.38
C LEU D 57 22.03 -26.48 17.99
N GLY D 58 22.70 -26.65 16.84
CA GLY D 58 22.98 -27.97 16.31
C GLY D 58 21.76 -28.75 15.86
N ASN D 59 20.57 -28.18 15.99
CA ASN D 59 19.33 -28.80 15.51
C ASN D 59 19.37 -28.93 13.99
N ARG D 60 19.83 -30.07 13.50
CA ARG D 60 19.93 -30.31 12.07
C ARG D 60 18.53 -30.52 11.51
N LEU D 61 17.92 -29.40 10.95
CA LEU D 61 16.51 -29.35 10.57
C LEU D 61 16.33 -29.65 9.09
N PRO D 62 15.21 -30.29 8.72
CA PRO D 62 14.94 -30.55 7.29
C PRO D 62 14.94 -29.27 6.45
N ALA D 63 15.94 -29.15 5.58
CA ALA D 63 16.17 -27.91 4.86
C ALA D 63 15.01 -27.52 3.95
N HIS D 64 14.20 -28.47 3.48
CA HIS D 64 13.18 -28.10 2.51
C HIS D 64 11.94 -27.46 3.14
N ALA D 65 11.91 -27.29 4.47
CA ALA D 65 10.75 -26.74 5.17
C ALA D 65 11.14 -25.58 6.07
N THR D 66 12.30 -24.98 5.86
CA THR D 66 12.71 -23.80 6.58
C THR D 66 12.79 -22.62 5.62
N SER D 67 12.59 -21.42 6.19
CA SER D 67 12.97 -20.23 5.47
C SER D 67 14.46 -20.22 5.19
N THR D 68 15.25 -20.74 6.12
CA THR D 68 16.70 -20.70 5.99
C THR D 68 17.21 -21.70 4.94
N GLY D 69 16.67 -22.92 4.95
CA GLY D 69 17.10 -23.93 4.01
C GLY D 69 16.71 -23.62 2.58
N LYS D 70 15.60 -22.88 2.39
CA LYS D 70 15.25 -22.46 1.03
C LYS D 70 16.22 -21.40 0.53
N VAL D 71 16.60 -20.46 1.40
CA VAL D 71 17.64 -19.50 1.03
C VAL D 71 18.89 -20.24 0.56
N LEU D 72 19.44 -21.09 1.42
CA LEU D 72 20.73 -21.73 1.12
C LEU D 72 20.64 -22.65 -0.11
N LEU D 73 19.42 -23.01 -0.52
CA LEU D 73 19.16 -23.90 -1.64
C LEU D 73 18.85 -23.18 -2.93
N SER D 74 18.23 -22.00 -2.81
CA SER D 74 17.89 -21.17 -3.98
C SER D 74 19.11 -20.61 -4.69
N VAL D 75 20.27 -20.53 -4.02
CA VAL D 75 21.46 -20.00 -4.67
C VAL D 75 22.23 -21.05 -5.47
N LEU D 76 21.87 -22.32 -5.37
CA LEU D 76 22.57 -23.37 -6.12
C LEU D 76 22.06 -23.38 -7.57
N ASP D 77 22.79 -24.09 -8.44
CA ASP D 77 22.27 -24.12 -9.80
C ASP D 77 21.21 -25.21 -9.93
N ARG D 78 20.39 -25.10 -10.98
CA ARG D 78 19.20 -25.93 -11.04
C ARG D 78 19.53 -27.41 -11.15
N GLU D 79 20.64 -27.75 -11.82
CA GLU D 79 21.08 -29.14 -11.82
C GLU D 79 21.47 -29.60 -10.42
N VAL D 80 22.17 -28.75 -9.67
CA VAL D 80 22.61 -29.12 -8.33
C VAL D 80 21.44 -29.20 -7.37
N GLN D 81 20.35 -28.46 -7.65
CA GLN D 81 19.17 -28.49 -6.80
C GLN D 81 18.43 -29.82 -6.94
N ILE D 82 18.33 -30.32 -8.18
CA ILE D 82 17.55 -31.53 -8.43
C ILE D 82 18.22 -32.74 -7.81
N GLU D 83 19.55 -32.80 -7.83
CA GLU D 83 20.22 -33.83 -7.06
C GLU D 83 19.86 -33.74 -5.59
N TRP D 84 19.89 -32.53 -5.04
CA TRP D 84 19.50 -32.35 -3.65
C TRP D 84 18.09 -32.84 -3.39
N ILE D 85 17.18 -32.69 -4.37
CA ILE D 85 15.82 -33.13 -4.15
C ILE D 85 15.69 -34.65 -4.27
N GLU D 86 16.46 -35.26 -5.17
CA GLU D 86 16.49 -36.72 -5.23
C GLU D 86 17.08 -37.29 -3.94
N LYS D 87 18.26 -36.79 -3.55
CA LYS D 87 19.06 -37.40 -2.49
C LYS D 87 18.48 -37.19 -1.10
N TYR D 88 17.38 -36.45 -0.95
CA TYR D 88 16.90 -36.12 0.39
C TYR D 88 15.38 -36.10 0.44
N GLY D 89 14.78 -35.64 -0.65
CA GLY D 89 13.34 -35.67 -0.79
C GLY D 89 12.62 -34.59 -0.01
N LEU D 90 11.34 -34.44 -0.34
CA LEU D 90 10.45 -33.45 0.24
C LEU D 90 9.38 -34.10 1.14
N LYS D 91 9.85 -34.78 2.18
CA LYS D 91 8.96 -35.40 3.16
C LYS D 91 8.08 -34.35 3.86
N ARG D 92 6.79 -34.65 3.97
CA ARG D 92 5.84 -33.75 4.62
C ARG D 92 5.98 -33.80 6.14
N LEU D 93 5.92 -32.65 6.78
CA LEU D 93 5.95 -32.55 8.25
C LEU D 93 4.67 -31.95 8.81
N THR D 94 4.21 -30.86 8.23
CA THR D 94 2.92 -30.27 8.52
C THR D 94 2.06 -30.35 7.27
N PRO D 95 0.76 -30.11 7.39
CA PRO D 95 -0.08 -30.09 6.19
C PRO D 95 0.34 -28.98 5.21
N TYR D 96 1.34 -28.17 5.60
CA TYR D 96 1.80 -27.01 4.84
C TYR D 96 3.14 -27.21 4.13
N THR D 97 3.87 -28.29 4.41
CA THR D 97 5.18 -28.49 3.80
C THR D 97 5.07 -28.66 2.29
N ILE D 98 5.96 -27.99 1.55
CA ILE D 98 6.03 -28.20 0.10
C ILE D 98 6.45 -29.63 -0.15
N THR D 99 5.59 -30.38 -0.86
CA THR D 99 5.86 -31.77 -1.20
C THR D 99 6.10 -31.99 -2.69
N ASP D 100 5.73 -31.04 -3.54
CA ASP D 100 5.83 -31.19 -4.99
C ASP D 100 7.23 -30.82 -5.47
N GLU D 101 7.76 -31.64 -6.38
CA GLU D 101 9.05 -31.33 -6.99
C GLU D 101 8.98 -30.04 -7.79
N HIS D 102 7.87 -29.80 -8.48
CA HIS D 102 7.77 -28.59 -9.26
C HIS D 102 7.54 -27.37 -8.38
N THR D 103 6.50 -27.43 -7.53
CA THR D 103 6.20 -26.32 -6.63
C THR D 103 7.41 -25.92 -5.79
N PHE D 104 8.20 -26.89 -5.33
CA PHE D 104 9.37 -26.58 -4.52
C PHE D 104 10.49 -25.94 -5.34
N LEU D 105 10.57 -26.25 -6.63
CA LEU D 105 11.62 -25.68 -7.47
C LEU D 105 11.27 -24.26 -7.89
N GLU D 106 9.99 -23.99 -8.15
CA GLU D 106 9.61 -22.61 -8.45
C GLU D 106 9.62 -21.74 -7.21
N THR D 107 9.38 -22.32 -6.02
CA THR D 107 9.57 -21.55 -4.79
C THR D 107 11.01 -21.10 -4.67
N LEU D 108 11.95 -22.00 -4.94
CA LEU D 108 13.37 -21.67 -4.83
C LEU D 108 13.78 -20.60 -5.82
N ASP D 109 13.18 -20.61 -7.02
CA ASP D 109 13.48 -19.54 -7.98
C ASP D 109 13.07 -18.19 -7.41
N ALA D 110 11.88 -18.10 -6.82
CA ALA D 110 11.43 -16.84 -6.24
C ALA D 110 12.33 -16.40 -5.08
N VAL D 111 12.80 -17.33 -4.26
CA VAL D 111 13.65 -16.96 -3.15
C VAL D 111 15.02 -16.52 -3.64
N ARG D 112 15.48 -17.10 -4.75
CA ARG D 112 16.73 -16.65 -5.37
C ARG D 112 16.62 -15.21 -5.82
N GLN D 113 15.50 -14.88 -6.47
CA GLN D 113 15.28 -13.53 -6.97
C GLN D 113 15.08 -12.54 -5.83
N SER D 114 14.11 -12.79 -4.95
CA SER D 114 13.71 -11.77 -3.99
C SER D 114 14.65 -11.62 -2.80
N ASP D 115 15.52 -12.61 -2.57
CA ASP D 115 16.60 -12.59 -1.58
C ASP D 115 16.13 -12.77 -0.14
N TYR D 116 14.89 -13.19 0.10
CA TYR D 116 14.50 -13.58 1.44
C TYR D 116 13.51 -14.74 1.33
N CYS D 117 13.30 -15.41 2.44
CA CYS D 117 12.24 -16.39 2.52
C CYS D 117 11.36 -16.08 3.72
N LEU D 118 10.05 -16.19 3.54
CA LEU D 118 9.11 -16.16 4.64
C LEU D 118 8.48 -17.56 4.72
N SER D 119 8.81 -18.30 5.77
CA SER D 119 8.29 -19.65 5.97
C SER D 119 7.29 -19.62 7.12
N THR D 120 6.01 -19.82 6.80
CA THR D 120 4.95 -19.87 7.79
C THR D 120 4.53 -21.32 8.01
N GLU D 121 5.02 -21.91 9.12
CA GLU D 121 4.57 -23.20 9.65
C GLU D 121 4.88 -24.37 8.72
N GLU D 122 5.91 -24.24 7.88
CA GLU D 122 6.27 -25.34 7.00
C GLU D 122 6.95 -26.47 7.77
N HIS D 123 7.50 -26.19 8.95
CA HIS D 123 8.22 -27.17 9.74
C HIS D 123 7.43 -27.61 10.96
N GLU D 124 7.00 -26.66 11.79
CA GLU D 124 6.27 -26.93 13.01
C GLU D 124 5.08 -25.99 13.11
N LEU D 125 3.90 -26.53 13.43
CA LEU D 125 2.69 -25.72 13.53
C LEU D 125 2.86 -24.67 14.63
N GLY D 126 2.44 -23.44 14.34
CA GLY D 126 2.60 -22.34 15.26
C GLY D 126 3.83 -21.47 14.99
N VAL D 127 4.87 -22.03 14.37
CA VAL D 127 6.17 -21.37 14.24
C VAL D 127 6.32 -20.81 12.83
N ILE D 128 6.63 -19.51 12.74
CA ILE D 128 6.90 -18.81 11.49
C ILE D 128 8.28 -18.17 11.57
N ALA D 129 8.98 -18.12 10.44
CA ALA D 129 10.35 -17.63 10.42
C ALA D 129 10.62 -16.98 9.07
N ILE D 130 11.59 -16.05 9.07
CA ILE D 130 11.96 -15.34 7.85
C ILE D 130 13.49 -15.20 7.79
N ALA D 131 14.06 -15.40 6.60
CA ALA D 131 15.50 -15.54 6.44
C ALA D 131 16.05 -14.70 5.29
N VAL D 132 17.34 -14.35 5.41
CA VAL D 132 18.10 -13.67 4.36
C VAL D 132 19.45 -14.35 4.20
N PRO D 133 20.09 -14.21 3.03
CA PRO D 133 21.43 -14.75 2.83
C PRO D 133 22.55 -13.81 3.27
N VAL D 134 23.60 -14.41 3.82
CA VAL D 134 24.83 -13.70 4.12
C VAL D 134 25.87 -14.12 3.08
N LEU D 135 26.41 -13.15 2.37
CA LEU D 135 27.50 -13.37 1.43
C LEU D 135 28.83 -12.96 2.07
N ASN D 136 29.92 -13.38 1.43
CA ASN D 136 31.25 -12.91 1.81
C ASN D 136 31.67 -11.81 0.84
N ALA D 137 32.96 -11.46 0.86
CA ALA D 137 33.42 -10.35 0.05
C ALA D 137 33.43 -10.67 -1.44
N GLN D 138 33.72 -11.92 -1.81
CA GLN D 138 33.65 -12.28 -3.23
C GLN D 138 32.23 -12.19 -3.77
N GLY D 139 31.26 -12.63 -2.97
CA GLY D 139 29.85 -12.52 -3.35
C GLY D 139 29.04 -13.79 -3.14
N LEU D 140 29.72 -14.89 -2.83
CA LEU D 140 29.11 -16.19 -2.59
C LEU D 140 28.27 -16.19 -1.31
N THR D 141 27.09 -16.80 -1.38
CA THR D 141 26.30 -17.01 -0.18
C THR D 141 26.89 -18.15 0.63
N ILE D 142 27.08 -17.93 1.93
CA ILE D 142 27.87 -18.83 2.76
C ILE D 142 27.16 -19.15 4.07
N ALA D 143 26.10 -18.39 4.38
CA ALA D 143 25.34 -18.61 5.60
C ALA D 143 23.96 -18.02 5.35
N ALA D 144 23.11 -18.05 6.39
CA ALA D 144 21.81 -17.42 6.30
C ALA D 144 21.38 -16.89 7.65
N LEU D 145 20.89 -15.67 7.64
CA LEU D 145 20.46 -14.98 8.83
C LEU D 145 18.95 -15.11 8.91
N ASN D 146 18.43 -15.39 10.09
CA ASN D 146 16.99 -15.56 10.09
C ASN D 146 16.42 -15.13 11.43
N CYS D 147 15.11 -14.93 11.41
CA CYS D 147 14.33 -14.53 12.58
C CYS D 147 13.15 -15.48 12.71
N SER D 149 9.74 -17.00 15.43
CA SER D 149 8.84 -16.80 16.57
C SER D 149 7.68 -17.80 16.49
N GLN D 150 6.60 -17.52 17.22
CA GLN D 150 5.38 -18.32 17.18
C GLN D 150 4.22 -17.50 16.62
N THR D 151 3.22 -18.18 16.06
CA THR D 151 2.10 -17.51 15.39
C THR D 151 1.37 -16.54 16.32
N ASN D 152 1.28 -16.87 17.61
CA ASN D 152 0.48 -16.07 18.54
C ASN D 152 1.26 -14.89 19.11
N ARG D 153 2.57 -14.87 18.96
CA ARG D 153 3.35 -13.73 19.45
C ARG D 153 3.37 -12.57 18.46
N VAL D 154 3.55 -12.84 17.17
CA VAL D 154 3.72 -11.80 16.17
C VAL D 154 2.69 -11.94 15.07
N GLN D 155 2.35 -10.80 14.46
N GLN D 155 2.35 -10.80 14.46
CA GLN D 155 1.68 -10.85 13.18
CA GLN D 155 1.68 -10.83 13.18
C GLN D 155 2.70 -11.21 12.11
C GLN D 155 2.70 -11.17 12.10
N PRO D 156 2.27 -11.81 11.01
CA PRO D 156 3.19 -12.05 9.89
C PRO D 156 3.51 -10.78 9.13
N GLN D 157 2.67 -9.74 9.25
N GLN D 157 2.72 -9.73 9.28
CA GLN D 157 2.98 -8.47 8.61
CA GLN D 157 3.04 -8.49 8.58
C GLN D 157 4.14 -7.77 9.31
C GLN D 157 4.11 -7.70 9.32
N TYR D 158 4.17 -7.81 10.64
CA TYR D 158 5.32 -7.31 11.40
C TYR D 158 6.62 -7.88 10.84
N LEU D 159 6.60 -9.15 10.43
CA LEU D 159 7.82 -9.79 9.97
C LEU D 159 8.33 -9.22 8.67
N ILE D 160 7.47 -8.62 7.86
CA ILE D 160 7.91 -8.01 6.60
C ILE D 160 8.23 -6.53 6.79
N ASP D 161 7.30 -5.77 7.39
CA ASP D 161 7.54 -4.35 7.59
C ASP D 161 8.71 -4.09 8.52
N GLN D 162 8.69 -4.69 9.70
CA GLN D 162 9.63 -4.32 10.76
C GLN D 162 10.94 -5.11 10.76
N VAL D 163 10.90 -6.42 10.57
CA VAL D 163 12.09 -7.24 10.79
C VAL D 163 12.98 -7.31 9.55
N LEU D 164 12.39 -7.60 8.39
CA LEU D 164 13.17 -7.78 7.17
C LEU D 164 14.13 -6.64 6.83
N PRO D 165 13.74 -5.33 6.94
CA PRO D 165 14.77 -4.26 6.91
C PRO D 165 16.00 -4.54 7.76
N LEU D 166 15.76 -4.87 9.03
CA LEU D 166 16.85 -5.05 10.00
C LEU D 166 17.71 -6.25 9.66
N LEU D 167 17.10 -7.34 9.16
CA LEU D 167 17.90 -8.47 8.70
C LEU D 167 18.81 -8.05 7.57
N ARG D 168 18.23 -7.38 6.56
CA ARG D 168 18.97 -6.90 5.39
C ARG D 168 20.13 -6.02 5.83
N ASN D 169 19.86 -5.10 6.76
CA ASN D 169 20.93 -4.26 7.27
C ASN D 169 22.05 -5.10 7.85
N THR D 170 21.73 -6.01 8.78
CA THR D 170 22.78 -6.77 9.48
C THR D 170 23.51 -7.73 8.55
N ALA D 171 22.81 -8.28 7.55
CA ALA D 171 23.49 -9.09 6.55
C ALA D 171 24.50 -8.27 5.76
N ASN D 172 24.17 -7.02 5.43
CA ASN D 172 25.04 -6.19 4.61
C ASN D 172 26.26 -5.69 5.37
N GLU D 173 26.15 -5.49 6.68
CA GLU D 173 27.33 -5.22 7.49
C GLU D 173 28.15 -6.48 7.73
N LEU D 174 27.54 -7.66 7.70
CA LEU D 174 28.36 -8.85 7.84
C LEU D 174 29.18 -9.13 6.58
N ARG D 175 28.67 -8.76 5.40
CA ARG D 175 29.41 -9.00 4.16
C ARG D 175 30.84 -8.48 4.24
N ASN D 176 31.05 -7.38 4.96
CA ASN D 176 32.37 -6.75 5.02
C ASN D 176 33.37 -7.58 5.82
N LEU D 177 32.92 -8.21 6.91
CA LEU D 177 33.80 -8.77 7.94
C LEU D 177 34.04 -10.27 7.80
N VAL D 178 33.55 -10.91 6.74
CA VAL D 178 33.73 -12.35 6.56
C VAL D 178 34.30 -12.71 5.16
#